data_3DKL
#
_entry.id   3DKL
#
_cell.length_a   61.127
_cell.length_b   106.589
_cell.length_c   83.240
_cell.angle_alpha   90.000
_cell.angle_beta   96.780
_cell.angle_gamma   90.000
#
_symmetry.space_group_name_H-M   'P 1 21 1'
#
loop_
_entity.id
_entity.type
_entity.pdbx_description
1 polymer 'Nicotinamide phosphoribosyltransferase'
2 non-polymer 'MAGNESIUM ION'
3 non-polymer BENZAMIDE
4 non-polymer 'BERYLLIUM TRIFLUORIDE ION'
5 non-polymer 1-O-pyrophosphono-5-O-phosphono-alpha-D-ribofuranose
6 water water
#
_entity_poly.entity_id   1
_entity_poly.type   'polypeptide(L)'
_entity_poly.pdbx_seq_one_letter_code
;MNPAAEAEFNILLATDSYKVTHYKQYPPNTSKVYSYFECREKKTENSKLRKVKYEETVFYGLQYILNKYLKGKVVTKEKI
QEAKDVYKEHFQDDVFNEKGWNYILEKYDGHLPIEIKAVPEGFVIPRGNVLFTVENTDPECYWLTNWIETILVQSWYPIT
VATNSREQKKILAKYLLETSGNLDGLEYKLHDFGYRGVSSQETAGIGASAHLVNFKGTDTVAGLALIKKYYGTKDPVPGY
SVPAAEHSTITAWGKDHEKDAFEHIVTQFSSVPVSVVSDSYDIYNACEKIWGEDLRHLIVSRSTQAPLIIRPDSGNPLDT
VLKVLEILGKKFPVTENSKGYKLLPPYLRVIQGDGVDINTLQEIVEGMKQKMWSIENIAFGSGGGLLQKLTRDLLNCSFK
CSYVVTNGLGINVFKDPVADPNKRSKKGRLSLHRTPAGNFVTLEEGKGDLEEYGQDLLHTVFKNGKVTKSYSFDEIRKNA
QLNI
;
_entity_poly.pdbx_strand_id   A,B
#
loop_
_chem_comp.id
_chem_comp.type
_chem_comp.name
_chem_comp.formula
BEF non-polymer 'BERYLLIUM TRIFLUORIDE ION' 'Be F3 -1'
MG non-polymer 'MAGNESIUM ION' 'Mg 2'
PRP D-saccharide 1-O-pyrophosphono-5-O-phosphono-alpha-D-ribofuranose 'C5 H13 O14 P3'
UNU non-polymer BENZAMIDE 'C7 H7 N O'
#
# COMPACT_ATOMS: atom_id res chain seq x y z
N PHE A 9 19.53 4.05 -2.15
CA PHE A 9 18.61 3.84 -3.33
C PHE A 9 19.46 3.81 -4.62
N ASN A 10 19.20 2.81 -5.45
CA ASN A 10 19.88 2.60 -6.72
C ASN A 10 18.84 2.45 -7.84
N ILE A 11 18.72 3.49 -8.66
CA ILE A 11 17.72 3.43 -9.75
C ILE A 11 17.90 2.24 -10.73
N LEU A 12 19.12 1.69 -10.80
CA LEU A 12 19.38 0.55 -11.65
C LEU A 12 18.74 -0.70 -11.10
N LEU A 13 18.35 -0.64 -9.81
CA LEU A 13 17.66 -1.78 -9.15
C LEU A 13 16.21 -1.44 -8.80
N ALA A 14 15.68 -0.39 -9.41
CA ALA A 14 14.31 0.04 -9.11
C ALA A 14 13.40 -0.05 -10.36
N THR A 15 13.47 -1.19 -11.04
CA THR A 15 12.64 -1.41 -12.20
C THR A 15 12.18 -2.89 -12.10
N ASP A 16 11.10 -3.22 -12.81
CA ASP A 16 10.73 -4.61 -13.03
C ASP A 16 11.88 -5.36 -13.67
N SER A 17 12.17 -6.52 -13.11
CA SER A 17 13.23 -7.36 -13.64
C SER A 17 13.24 -7.51 -15.15
N TYR A 18 12.07 -7.75 -15.76
CA TYR A 18 12.06 -7.96 -17.22
C TYR A 18 12.58 -6.78 -18.02
N LYS A 19 12.42 -5.56 -17.49
CA LYS A 19 12.87 -4.34 -18.19
C LYS A 19 14.39 -4.29 -18.40
N VAL A 20 15.10 -5.03 -17.56
CA VAL A 20 16.54 -5.14 -17.66
C VAL A 20 16.86 -5.78 -19.01
N THR A 21 15.91 -6.57 -19.55
CA THR A 21 16.17 -7.29 -20.83
C THR A 21 15.63 -6.60 -22.11
N HIS A 22 14.94 -5.47 -21.92
CA HIS A 22 14.20 -4.87 -23.03
C HIS A 22 15.07 -4.17 -24.05
N TYR A 23 16.28 -3.76 -23.65
CA TYR A 23 17.18 -3.04 -24.60
C TYR A 23 17.52 -3.96 -25.79
N LYS A 24 17.50 -5.28 -25.58
CA LYS A 24 17.70 -6.29 -26.64
C LYS A 24 16.45 -6.65 -27.46
N GLN A 25 15.30 -6.04 -27.14
CA GLN A 25 14.05 -6.47 -27.76
C GLN A 25 13.44 -5.44 -28.69
N TYR A 26 13.72 -4.18 -28.44
CA TYR A 26 13.25 -3.09 -29.31
C TYR A 26 13.80 -3.27 -30.75
N PRO A 27 13.10 -2.71 -31.74
CA PRO A 27 13.64 -2.83 -33.09
C PRO A 27 15.06 -2.24 -33.17
N PRO A 28 15.98 -2.93 -33.87
CA PRO A 28 17.26 -2.25 -34.15
C PRO A 28 17.08 -0.87 -34.80
N ASN A 29 18.02 0.06 -34.56
CA ASN A 29 18.00 1.41 -35.15
C ASN A 29 16.93 2.33 -34.59
N THR A 30 16.58 2.08 -33.32
CA THR A 30 15.61 2.91 -32.62
C THR A 30 16.32 4.02 -31.86
N SER A 31 15.95 5.26 -32.16
CA SER A 31 16.58 6.41 -31.52
C SER A 31 15.70 7.09 -30.46
N LYS A 32 14.41 6.74 -30.48
CA LYS A 32 13.41 7.40 -29.62
C LYS A 32 12.33 6.43 -29.23
N VAL A 33 12.03 6.41 -27.93
CA VAL A 33 10.88 5.74 -27.38
C VAL A 33 10.16 6.79 -26.56
N TYR A 34 8.89 7.00 -26.90
CA TYR A 34 8.04 8.00 -26.30
C TYR A 34 6.78 7.34 -25.72
N SER A 35 6.53 7.66 -24.46
CA SER A 35 5.52 6.93 -23.66
C SER A 35 4.72 7.92 -22.85
N TYR A 36 3.53 7.49 -22.42
CA TYR A 36 2.62 8.36 -21.67
C TYR A 36 1.83 7.61 -20.58
N PHE A 37 1.33 8.36 -19.63
CA PHE A 37 0.50 7.81 -18.54
C PHE A 37 -0.90 8.38 -18.66
N GLU A 38 -1.89 7.51 -18.51
CA GLU A 38 -3.31 7.96 -18.36
C GLU A 38 -4.02 7.18 -17.27
N CYS A 39 -5.13 7.72 -16.78
CA CYS A 39 -6.10 6.98 -16.00
C CYS A 39 -7.16 6.54 -16.99
N ARG A 40 -6.92 5.36 -17.54
CA ARG A 40 -7.58 4.88 -18.73
C ARG A 40 -9.06 4.75 -18.45
N GLU A 41 -9.88 5.09 -19.43
CA GLU A 41 -11.28 4.77 -19.33
C GLU A 41 -11.45 3.25 -19.33
N TYR A 54 -15.93 7.56 -10.75
CA TYR A 54 -14.63 8.28 -10.67
C TYR A 54 -14.21 8.90 -12.03
N GLU A 55 -14.98 9.88 -12.50
CA GLU A 55 -14.73 10.31 -13.86
C GLU A 55 -13.70 11.41 -14.02
N GLU A 56 -13.22 12.01 -12.93
CA GLU A 56 -12.12 12.98 -13.06
C GLU A 56 -11.08 12.75 -11.96
N THR A 57 -9.80 12.95 -12.27
CA THR A 57 -8.71 12.58 -11.35
C THR A 57 -7.86 13.79 -10.97
N VAL A 58 -7.49 13.88 -9.70
CA VAL A 58 -6.57 14.90 -9.24
C VAL A 58 -5.14 14.42 -9.55
N PHE A 59 -4.40 15.14 -10.40
CA PHE A 59 -3.07 14.75 -10.72
C PHE A 59 -2.15 15.30 -9.63
N TYR A 60 -1.52 14.40 -8.87
CA TYR A 60 -0.70 14.80 -7.76
C TYR A 60 0.36 13.72 -7.48
N GLY A 61 1.59 14.12 -7.12
CA GLY A 61 2.61 13.18 -6.60
C GLY A 61 3.88 12.97 -7.43
N LEU A 62 3.84 13.36 -8.71
CA LEU A 62 4.99 13.21 -9.60
C LEU A 62 6.19 13.95 -9.03
N GLN A 63 5.98 15.18 -8.60
CA GLN A 63 7.07 16.04 -8.12
C GLN A 63 7.87 15.37 -6.99
N TYR A 64 7.16 14.63 -6.13
CA TYR A 64 7.85 13.81 -5.13
C TYR A 64 8.84 12.84 -5.78
N ILE A 65 8.35 12.06 -6.75
CA ILE A 65 9.18 11.04 -7.39
C ILE A 65 10.37 11.67 -8.13
N LEU A 66 10.12 12.78 -8.87
CA LEU A 66 11.22 13.47 -9.57
C LEU A 66 12.41 13.85 -8.66
N ASN A 67 12.09 14.48 -7.55
CA ASN A 67 13.11 14.96 -6.64
C ASN A 67 13.72 13.81 -5.85
N LYS A 68 12.88 12.92 -5.31
CA LYS A 68 13.42 11.86 -4.45
C LYS A 68 14.35 10.86 -5.19
N TYR A 69 13.99 10.53 -6.43
CA TYR A 69 14.47 9.34 -7.10
C TYR A 69 15.09 9.57 -8.45
N LEU A 70 14.68 10.64 -9.13
CA LEU A 70 15.07 10.75 -10.56
C LEU A 70 16.09 11.83 -10.91
N LYS A 71 16.22 12.87 -10.07
CA LYS A 71 17.03 14.04 -10.42
C LYS A 71 18.49 13.93 -9.98
N GLY A 72 19.38 14.61 -10.71
CA GLY A 72 20.77 14.75 -10.26
C GLY A 72 21.56 13.53 -10.65
N LYS A 73 22.68 13.28 -9.97
CA LYS A 73 23.53 12.17 -10.36
C LYS A 73 22.97 10.85 -9.84
N VAL A 74 22.32 10.07 -10.68
CA VAL A 74 21.65 8.89 -10.16
C VAL A 74 22.41 7.62 -10.53
N VAL A 75 23.48 7.82 -11.30
CA VAL A 75 24.35 6.70 -11.74
C VAL A 75 25.78 6.95 -11.23
N THR A 76 26.34 5.90 -10.63
CA THR A 76 27.74 5.85 -10.23
C THR A 76 28.34 4.50 -10.62
N LYS A 77 29.67 4.48 -10.73
CA LYS A 77 30.44 3.29 -10.91
C LYS A 77 30.00 2.17 -9.94
N GLU A 78 29.78 2.55 -8.69
CA GLU A 78 29.41 1.58 -7.69
C GLU A 78 28.02 1.02 -7.92
N LYS A 79 27.07 1.86 -8.32
CA LYS A 79 25.68 1.41 -8.58
C LYS A 79 25.62 0.49 -9.79
N ILE A 80 26.43 0.80 -10.81
CA ILE A 80 26.55 -0.05 -11.99
C ILE A 80 27.11 -1.44 -11.61
N GLN A 81 28.23 -1.47 -10.87
CA GLN A 81 28.77 -2.75 -10.35
C GLN A 81 27.75 -3.54 -9.51
N GLU A 82 27.09 -2.88 -8.53
CA GLU A 82 26.08 -3.52 -7.66
CA GLU A 82 26.15 -3.64 -7.69
C GLU A 82 24.97 -4.18 -8.51
N ALA A 83 24.41 -3.39 -9.44
CA ALA A 83 23.35 -3.90 -10.32
C ALA A 83 23.88 -5.06 -11.14
N LYS A 84 25.08 -4.93 -11.72
CA LYS A 84 25.70 -6.01 -12.47
C LYS A 84 25.75 -7.31 -11.66
N ASP A 85 26.23 -7.21 -10.41
CA ASP A 85 26.33 -8.41 -9.54
C ASP A 85 25.00 -9.06 -9.14
N VAL A 86 24.03 -8.22 -8.80
CA VAL A 86 22.67 -8.67 -8.46
C VAL A 86 22.04 -9.38 -9.68
N TYR A 87 22.10 -8.78 -10.87
CA TYR A 87 21.36 -9.34 -12.00
C TYR A 87 21.95 -10.67 -12.53
N LYS A 88 23.24 -10.81 -12.35
CA LYS A 88 23.95 -11.99 -12.77
C LYS A 88 23.37 -13.16 -11.99
N GLU A 89 23.15 -12.96 -10.69
CA GLU A 89 22.60 -14.01 -9.85
C GLU A 89 21.09 -14.15 -10.03
N HIS A 90 20.41 -13.02 -10.22
CA HIS A 90 18.94 -12.99 -10.31
C HIS A 90 18.47 -13.68 -11.61
N PHE A 91 19.17 -13.40 -12.70
CA PHE A 91 18.89 -13.98 -14.04
C PHE A 91 19.68 -15.27 -14.33
N GLN A 92 20.75 -15.50 -13.57
CA GLN A 92 21.61 -16.68 -13.79
C GLN A 92 22.20 -16.54 -15.19
N ASP A 93 22.57 -15.30 -15.51
CA ASP A 93 22.89 -14.92 -16.87
C ASP A 93 23.25 -13.43 -16.92
N ASP A 94 24.05 -13.05 -17.92
CA ASP A 94 24.64 -11.73 -18.03
C ASP A 94 23.84 -10.59 -18.66
N VAL A 95 22.53 -10.70 -18.79
CA VAL A 95 21.72 -9.72 -19.55
C VAL A 95 21.86 -8.21 -19.24
N PHE A 96 22.34 -7.83 -18.08
CA PHE A 96 22.40 -6.42 -17.74
C PHE A 96 23.12 -5.49 -18.77
N ASN A 97 22.42 -4.41 -19.17
CA ASN A 97 22.98 -3.38 -20.10
C ASN A 97 24.04 -2.42 -19.47
N GLU A 98 25.15 -2.99 -19.03
CA GLU A 98 26.26 -2.23 -18.44
C GLU A 98 26.76 -1.11 -19.36
N LYS A 99 26.93 -1.40 -20.65
CA LYS A 99 27.40 -0.39 -21.61
CA LYS A 99 27.40 -0.40 -21.58
C LYS A 99 26.44 0.81 -21.62
N GLY A 100 25.14 0.52 -21.67
CA GLY A 100 24.16 1.60 -21.69
C GLY A 100 24.22 2.51 -20.47
N TRP A 101 24.35 1.92 -19.27
CA TRP A 101 24.39 2.71 -18.05
C TRP A 101 25.69 3.49 -17.96
N ASN A 102 26.77 2.82 -18.33
CA ASN A 102 28.07 3.46 -18.36
C ASN A 102 28.12 4.70 -19.23
N TYR A 103 27.41 4.66 -20.37
CA TYR A 103 27.25 5.79 -21.27
C TYR A 103 26.60 7.00 -20.58
N ILE A 104 25.54 6.78 -19.83
CA ILE A 104 24.94 7.85 -19.01
C ILE A 104 25.89 8.45 -17.95
N LEU A 105 26.65 7.59 -17.28
CA LEU A 105 27.60 8.02 -16.26
C LEU A 105 28.67 8.91 -16.93
N GLU A 106 29.18 8.47 -18.07
CA GLU A 106 30.28 9.21 -18.70
C GLU A 106 29.87 10.47 -19.45
N LYS A 107 28.73 10.43 -20.09
CA LYS A 107 28.39 11.53 -20.97
C LYS A 107 27.66 12.63 -20.18
N TYR A 108 26.87 12.24 -19.19
CA TYR A 108 26.02 13.19 -18.46
C TYR A 108 26.31 13.17 -16.98
N ASP A 109 27.47 12.63 -16.59
CA ASP A 109 27.80 12.56 -15.19
C ASP A 109 26.63 11.94 -14.40
N GLY A 110 26.06 10.86 -14.97
CA GLY A 110 25.04 10.08 -14.26
C GLY A 110 23.66 10.70 -14.15
N HIS A 111 23.44 11.79 -14.90
CA HIS A 111 22.12 12.45 -15.00
C HIS A 111 21.28 11.78 -16.13
N LEU A 112 20.00 11.52 -15.86
CA LEU A 112 19.15 10.85 -16.87
C LEU A 112 18.81 11.72 -18.08
N PRO A 113 19.20 11.27 -19.30
CA PRO A 113 18.79 11.94 -20.55
C PRO A 113 17.32 11.67 -20.91
N ILE A 114 16.43 12.31 -20.15
CA ILE A 114 14.99 12.05 -20.18
C ILE A 114 14.27 13.38 -20.12
N GLU A 115 13.23 13.54 -20.92
CA GLU A 115 12.31 14.68 -20.77
C GLU A 115 10.90 14.17 -20.37
N ILE A 116 10.38 14.74 -19.29
CA ILE A 116 9.00 14.48 -18.83
C ILE A 116 8.13 15.75 -18.88
N LYS A 117 6.97 15.68 -19.56
CA LYS A 117 6.03 16.80 -19.62
C LYS A 117 4.77 16.36 -18.87
N ALA A 118 4.24 17.23 -18.01
CA ALA A 118 3.15 16.86 -17.16
C ALA A 118 2.11 17.97 -17.05
N VAL A 119 0.85 17.56 -16.91
CA VAL A 119 -0.20 18.53 -16.51
C VAL A 119 0.19 19.08 -15.08
N PRO A 120 -0.07 20.39 -14.78
CA PRO A 120 0.26 20.94 -13.46
C PRO A 120 -0.36 20.17 -12.25
N GLU A 121 0.41 20.02 -11.18
CA GLU A 121 -0.10 19.26 -10.03
C GLU A 121 -1.29 19.96 -9.40
N GLY A 122 -2.33 19.17 -9.09
CA GLY A 122 -3.61 19.66 -8.54
C GLY A 122 -4.70 19.73 -9.62
N PHE A 123 -4.29 19.81 -10.89
CA PHE A 123 -5.28 19.83 -12.00
C PHE A 123 -6.23 18.65 -11.89
N VAL A 124 -7.49 18.92 -12.12
CA VAL A 124 -8.51 17.90 -12.12
C VAL A 124 -8.91 17.58 -13.56
N ILE A 125 -8.62 16.35 -13.97
CA ILE A 125 -8.69 15.93 -15.38
C ILE A 125 -9.62 14.72 -15.58
N PRO A 126 -10.51 14.79 -16.59
CA PRO A 126 -11.36 13.62 -16.86
C PRO A 126 -10.54 12.40 -17.25
N ARG A 127 -11.07 11.22 -16.91
CA ARG A 127 -10.45 9.93 -17.33
C ARG A 127 -10.14 9.87 -18.82
N GLY A 128 -9.05 9.16 -19.15
CA GLY A 128 -8.72 8.87 -20.56
C GLY A 128 -7.91 9.97 -21.24
N ASN A 129 -7.31 10.84 -20.45
CA ASN A 129 -6.45 11.88 -21.01
C ASN A 129 -5.02 11.65 -20.63
N VAL A 130 -4.10 12.14 -21.48
CA VAL A 130 -2.69 12.13 -21.11
C VAL A 130 -2.44 13.04 -19.90
N LEU A 131 -1.77 12.48 -18.88
CA LEU A 131 -1.38 13.24 -17.69
C LEU A 131 0.12 13.60 -17.70
N PHE A 132 0.92 12.73 -18.29
CA PHE A 132 2.33 12.96 -18.47
C PHE A 132 2.93 12.09 -19.57
N THR A 133 3.98 12.58 -20.21
CA THR A 133 4.71 11.87 -21.25
C THR A 133 6.18 11.78 -20.87
N VAL A 134 6.84 10.74 -21.35
CA VAL A 134 8.24 10.49 -21.04
C VAL A 134 8.93 10.20 -22.37
N GLU A 135 10.07 10.83 -22.64
CA GLU A 135 10.94 10.38 -23.80
C GLU A 135 12.44 10.54 -23.49
N ASN A 136 13.30 9.86 -24.24
CA ASN A 136 14.75 9.98 -24.10
C ASN A 136 15.26 11.18 -24.91
N THR A 137 16.25 11.90 -24.38
CA THR A 137 16.76 13.05 -25.10
C THR A 137 18.05 12.70 -25.85
N ASP A 138 18.53 11.48 -25.72
CA ASP A 138 19.71 11.02 -26.44
C ASP A 138 19.34 9.66 -27.11
N PRO A 139 19.59 9.51 -28.44
CA PRO A 139 19.22 8.30 -29.22
C PRO A 139 19.82 7.03 -28.61
N GLU A 140 20.97 7.17 -27.94
CA GLU A 140 21.58 6.03 -27.26
C GLU A 140 20.68 5.48 -26.13
N CYS A 141 19.85 6.36 -25.55
CA CYS A 141 19.09 6.04 -24.35
C CYS A 141 17.62 5.68 -24.63
N TYR A 142 17.34 5.14 -25.82
CA TYR A 142 15.98 4.79 -26.26
C TYR A 142 15.35 3.81 -25.24
N TRP A 143 16.18 3.00 -24.59
CA TRP A 143 15.76 1.95 -23.61
C TRP A 143 15.40 2.54 -22.21
N LEU A 144 15.82 3.76 -21.95
CA LEU A 144 15.65 4.36 -20.64
C LEU A 144 14.20 4.82 -20.38
N THR A 145 13.51 5.23 -21.43
CA THR A 145 12.14 5.77 -21.29
C THR A 145 11.28 4.81 -20.49
N ASN A 146 11.30 3.55 -20.88
CA ASN A 146 10.45 2.54 -20.22
C ASN A 146 11.17 1.84 -19.06
N TRP A 147 12.51 1.94 -18.99
CA TRP A 147 13.17 1.56 -17.74
C TRP A 147 12.43 2.19 -16.52
N ILE A 148 12.11 3.47 -16.63
CA ILE A 148 11.54 4.21 -15.50
C ILE A 148 10.02 4.19 -15.46
N GLU A 149 9.40 3.35 -16.30
CA GLU A 149 7.96 3.11 -16.17
C GLU A 149 7.55 2.70 -14.75
N THR A 150 8.29 1.77 -14.15
CA THR A 150 7.87 1.18 -12.88
C THR A 150 7.76 2.25 -11.79
N ILE A 151 8.79 3.07 -11.68
CA ILE A 151 8.86 4.06 -10.61
C ILE A 151 7.82 5.15 -10.83
N LEU A 152 7.61 5.52 -12.09
CA LEU A 152 6.69 6.63 -12.46
C LEU A 152 5.25 6.20 -12.28
N VAL A 153 4.92 4.96 -12.67
CA VAL A 153 3.55 4.44 -12.51
C VAL A 153 3.03 4.43 -11.05
N GLN A 154 3.94 4.29 -10.09
CA GLN A 154 3.62 4.37 -8.66
C GLN A 154 2.98 5.72 -8.34
N SER A 155 3.07 6.66 -9.28
CA SER A 155 2.25 7.91 -9.18
C SER A 155 0.73 7.61 -9.06
N TRP A 156 0.31 6.39 -9.44
CA TRP A 156 -1.12 5.99 -9.36
C TRP A 156 -1.63 6.22 -7.92
N TYR A 157 -0.73 6.01 -6.95
CA TYR A 157 -1.12 5.98 -5.55
C TYR A 157 -1.48 7.38 -5.01
N PRO A 158 -0.54 8.37 -5.05
CA PRO A 158 -1.03 9.70 -4.67
C PRO A 158 -2.16 10.26 -5.56
N ILE A 159 -2.20 9.94 -6.86
CA ILE A 159 -3.37 10.36 -7.67
C ILE A 159 -4.68 9.80 -7.05
N THR A 160 -4.68 8.51 -6.75
CA THR A 160 -5.91 7.79 -6.37
C THR A 160 -6.38 8.23 -4.95
N VAL A 161 -5.45 8.35 -4.02
CA VAL A 161 -5.77 8.88 -2.69
C VAL A 161 -6.32 10.31 -2.79
N ALA A 162 -5.61 11.19 -3.51
CA ALA A 162 -6.03 12.60 -3.74
C ALA A 162 -7.45 12.65 -4.33
N THR A 163 -7.67 11.79 -5.33
CA THR A 163 -8.93 11.68 -6.07
C THR A 163 -10.09 11.12 -5.20
N ASN A 164 -9.87 9.99 -4.56
CA ASN A 164 -10.89 9.42 -3.70
C ASN A 164 -11.20 10.33 -2.48
N SER A 165 -10.20 11.04 -1.97
CA SER A 165 -10.41 11.93 -0.86
C SER A 165 -11.30 13.09 -1.34
N ARG A 166 -11.06 13.59 -2.54
CA ARG A 166 -11.79 14.75 -3.07
C ARG A 166 -13.24 14.34 -3.40
N GLU A 167 -13.41 13.08 -3.83
CA GLU A 167 -14.76 12.53 -4.03
C GLU A 167 -15.56 12.47 -2.72
N GLN A 168 -14.94 12.09 -1.61
CA GLN A 168 -15.58 12.20 -0.28
C GLN A 168 -15.84 13.67 0.12
N LYS A 169 -14.93 14.56 -0.24
CA LYS A 169 -15.19 15.99 -0.03
C LYS A 169 -16.47 16.45 -0.78
N LYS A 170 -16.69 15.94 -2.00
CA LYS A 170 -17.90 16.30 -2.80
C LYS A 170 -19.20 15.89 -2.11
N ILE A 171 -19.24 14.64 -1.64
CA ILE A 171 -20.37 14.10 -0.85
C ILE A 171 -20.61 14.97 0.40
N LEU A 172 -19.54 15.23 1.15
CA LEU A 172 -19.58 16.02 2.37
C LEU A 172 -20.08 17.42 2.08
N ALA A 173 -19.55 18.05 1.04
CA ALA A 173 -19.97 19.43 0.65
C ALA A 173 -21.48 19.46 0.37
N LYS A 174 -21.92 18.48 -0.39
CA LYS A 174 -23.29 18.41 -0.86
C LYS A 174 -24.26 18.37 0.32
N TYR A 175 -24.09 17.41 1.20
CA TYR A 175 -24.93 17.27 2.38
C TYR A 175 -24.77 18.37 3.46
N LEU A 176 -23.57 18.88 3.66
CA LEU A 176 -23.37 20.00 4.57
C LEU A 176 -24.12 21.23 4.04
N LEU A 177 -24.03 21.49 2.75
CA LEU A 177 -24.69 22.64 2.15
C LEU A 177 -26.20 22.51 2.27
N GLU A 178 -26.73 21.32 2.00
CA GLU A 178 -28.17 21.06 2.01
C GLU A 178 -28.73 21.17 3.41
N THR A 179 -28.04 20.56 4.38
CA THR A 179 -28.57 20.55 5.74
C THR A 179 -28.22 21.82 6.58
N SER A 180 -27.25 22.64 6.16
CA SER A 180 -26.82 23.81 6.96
C SER A 180 -26.74 25.16 6.19
N GLY A 181 -26.68 25.09 4.87
CA GLY A 181 -26.73 26.28 4.01
C GLY A 181 -25.34 26.86 3.74
N ASN A 182 -24.32 26.21 4.29
CA ASN A 182 -22.95 26.66 4.04
C ASN A 182 -21.92 25.52 4.11
N LEU A 183 -20.64 25.87 3.96
CA LEU A 183 -19.56 24.90 3.90
C LEU A 183 -18.53 25.06 5.04
N ASP A 184 -18.90 25.79 6.12
CA ASP A 184 -17.96 26.08 7.19
C ASP A 184 -17.46 24.77 7.78
N GLY A 185 -16.14 24.61 7.91
CA GLY A 185 -15.58 23.44 8.59
C GLY A 185 -15.44 22.21 7.70
N LEU A 186 -15.84 22.36 6.43
CA LEU A 186 -15.78 21.26 5.44
C LEU A 186 -14.43 20.56 5.44
N GLU A 187 -13.37 21.36 5.50
CA GLU A 187 -11.99 20.90 5.45
C GLU A 187 -11.50 20.13 6.68
N TYR A 188 -12.32 20.03 7.71
CA TYR A 188 -11.97 19.27 8.87
C TYR A 188 -12.94 18.09 9.04
N LYS A 189 -13.77 17.83 8.03
CA LYS A 189 -14.81 16.79 8.18
C LYS A 189 -14.35 15.33 7.89
N LEU A 190 -13.18 15.15 7.31
CA LEU A 190 -12.65 13.81 7.06
C LEU A 190 -11.20 13.81 7.51
N HIS A 191 -10.96 13.15 8.63
CA HIS A 191 -9.67 13.11 9.30
C HIS A 191 -8.94 11.80 8.91
N ASP A 192 -7.64 11.94 8.61
CA ASP A 192 -6.80 10.79 8.23
C ASP A 192 -6.43 10.03 9.49
N PHE A 193 -6.96 8.82 9.63
CA PHE A 193 -6.63 7.84 10.70
C PHE A 193 -5.70 6.67 10.27
N GLY A 194 -5.11 6.80 9.09
CA GLY A 194 -4.58 5.63 8.40
C GLY A 194 -3.14 5.23 8.57
N TYR A 195 -2.43 5.84 9.52
CA TYR A 195 -0.97 5.62 9.62
C TYR A 195 -0.64 4.08 9.80
N ARG A 196 -1.29 3.44 10.77
CA ARG A 196 -1.08 2.03 11.09
C ARG A 196 -1.65 1.05 10.03
N GLY A 197 -2.60 1.55 9.22
CA GLY A 197 -3.38 0.72 8.26
C GLY A 197 -2.76 0.69 6.86
N VAL A 198 -1.66 1.42 6.67
CA VAL A 198 -0.95 1.40 5.34
C VAL A 198 0.24 0.43 5.40
N SER A 199 0.85 0.17 4.23
CA SER A 199 1.79 -0.92 4.06
C SER A 199 3.24 -0.57 4.43
N SER A 200 3.56 0.72 4.66
CA SER A 200 4.91 1.13 5.05
C SER A 200 4.95 2.59 5.52
N GLN A 201 6.07 2.95 6.14
CA GLN A 201 6.34 4.36 6.45
C GLN A 201 6.32 5.24 5.24
N GLU A 202 6.90 4.82 4.12
CA GLU A 202 6.98 5.72 2.98
C GLU A 202 5.55 5.99 2.42
N THR A 203 4.76 4.91 2.26
CA THR A 203 3.34 5.00 1.86
C THR A 203 2.55 5.95 2.76
N ALA A 204 2.82 5.90 4.05
CA ALA A 204 2.12 6.75 5.01
C ALA A 204 2.29 8.21 4.65
N GLY A 205 3.53 8.66 4.47
CA GLY A 205 3.77 10.05 4.10
C GLY A 205 3.14 10.46 2.79
N ILE A 206 3.24 9.61 1.76
CA ILE A 206 2.75 9.94 0.42
C ILE A 206 1.21 10.02 0.47
N GLY A 207 0.62 8.98 1.04
CA GLY A 207 -0.83 8.93 1.18
C GLY A 207 -1.41 10.06 1.98
N ALA A 208 -0.83 10.32 3.16
CA ALA A 208 -1.27 11.44 4.01
C ALA A 208 -1.14 12.81 3.30
N SER A 209 -0.02 13.03 2.58
CA SER A 209 0.14 14.27 1.79
C SER A 209 -0.98 14.42 0.72
N ALA A 210 -1.37 13.30 0.13
CA ALA A 210 -2.44 13.30 -0.90
C ALA A 210 -3.84 13.66 -0.35
N HIS A 211 -4.17 13.14 0.83
CA HIS A 211 -5.41 13.53 1.51
C HIS A 211 -5.40 15.04 1.85
N LEU A 212 -4.24 15.55 2.22
CA LEU A 212 -4.12 17.01 2.58
C LEU A 212 -4.28 17.97 1.40
N VAL A 213 -4.34 17.43 0.19
CA VAL A 213 -4.70 18.28 -0.95
C VAL A 213 -6.12 18.82 -0.73
N ASN A 214 -6.93 18.06 0.00
CA ASN A 214 -8.38 18.31 0.09
C ASN A 214 -8.82 18.73 1.49
N PHE A 215 -8.13 18.25 2.51
CA PHE A 215 -8.54 18.47 3.89
C PHE A 215 -7.37 18.97 4.72
N LYS A 216 -7.67 19.35 5.96
CA LYS A 216 -6.68 19.89 6.87
C LYS A 216 -6.46 19.00 8.12
N GLY A 217 -7.31 17.98 8.34
CA GLY A 217 -7.19 17.20 9.55
C GLY A 217 -6.51 15.86 9.31
N THR A 218 -5.47 15.61 10.09
CA THR A 218 -4.66 14.36 9.96
C THR A 218 -3.99 13.93 11.26
N ASP A 219 -3.98 12.62 11.51
CA ASP A 219 -3.11 12.05 12.54
C ASP A 219 -1.90 11.31 11.92
N THR A 220 -1.81 11.34 10.60
CA THR A 220 -0.66 10.70 9.95
C THR A 220 0.47 11.74 9.81
N VAL A 221 1.24 11.89 10.89
CA VAL A 221 2.27 12.93 11.02
C VAL A 221 3.27 12.88 9.83
N ALA A 222 3.57 11.68 9.35
CA ALA A 222 4.46 11.48 8.20
C ALA A 222 4.18 12.37 6.97
N GLY A 223 2.92 12.70 6.68
CA GLY A 223 2.61 13.57 5.55
C GLY A 223 3.20 14.99 5.71
N LEU A 224 3.31 15.50 6.94
CA LEU A 224 3.78 16.91 7.15
C LEU A 224 5.20 17.13 6.58
N ALA A 225 6.12 16.22 6.86
CA ALA A 225 7.54 16.40 6.47
C ALA A 225 7.63 16.27 4.97
N LEU A 226 6.89 15.30 4.41
CA LEU A 226 6.94 15.09 2.96
C LEU A 226 6.55 16.43 2.25
N ILE A 227 5.46 17.06 2.71
CA ILE A 227 4.95 18.26 2.02
C ILE A 227 6.00 19.38 2.14
N LYS A 228 6.51 19.54 3.35
CA LYS A 228 7.51 20.56 3.70
C LYS A 228 8.77 20.43 2.83
N LYS A 229 9.23 19.20 2.64
CA LYS A 229 10.43 18.96 1.86
C LYS A 229 10.19 18.96 0.35
N TYR A 230 9.06 18.48 -0.12
CA TYR A 230 8.93 18.32 -1.59
C TYR A 230 8.03 19.36 -2.24
N TYR A 231 7.17 20.04 -1.47
CA TYR A 231 6.16 20.92 -2.07
C TYR A 231 6.11 22.32 -1.45
N GLY A 232 5.98 22.39 -0.14
CA GLY A 232 6.01 23.67 0.57
C GLY A 232 4.65 24.35 0.74
N THR A 233 4.43 24.90 1.93
CA THR A 233 3.28 25.75 2.24
C THR A 233 3.74 27.09 2.89
N LYS A 234 2.98 28.17 2.63
CA LYS A 234 3.10 29.44 3.36
C LYS A 234 2.87 29.26 4.86
N ASP A 235 1.91 28.43 5.23
CA ASP A 235 1.64 28.15 6.63
C ASP A 235 2.69 27.22 7.22
N PRO A 236 2.92 27.35 8.53
CA PRO A 236 3.89 26.45 9.19
C PRO A 236 3.67 24.99 8.88
N VAL A 237 2.43 24.50 8.98
CA VAL A 237 2.10 23.09 8.62
C VAL A 237 0.88 22.95 7.75
N PRO A 238 0.85 21.91 6.88
CA PRO A 238 -0.35 21.66 6.03
C PRO A 238 -1.56 21.01 6.71
N GLY A 239 -1.40 20.52 7.93
CA GLY A 239 -2.40 19.66 8.57
C GLY A 239 -2.35 19.66 10.09
N TYR A 240 -3.49 19.37 10.69
CA TYR A 240 -3.68 19.62 12.10
C TYR A 240 -4.33 18.52 12.84
N SER A 241 -4.06 18.45 14.12
CA SER A 241 -4.79 17.51 14.98
C SER A 241 -5.26 18.13 16.30
N VAL A 242 -6.05 17.35 17.04
CA VAL A 242 -6.46 17.62 18.41
C VAL A 242 -6.19 16.42 19.35
N PRO A 243 -6.13 16.70 20.67
CA PRO A 243 -6.04 15.58 21.61
C PRO A 243 -7.23 14.61 21.46
N ALA A 244 -6.96 13.32 21.61
CA ALA A 244 -7.98 12.30 21.38
C ALA A 244 -7.58 11.07 22.18
N ALA A 245 -8.54 10.36 22.76
CA ALA A 245 -8.26 9.11 23.51
C ALA A 245 -8.21 7.92 22.55
N GLU A 246 -7.60 6.83 23.01
CA GLU A 246 -7.74 5.53 22.42
C GLU A 246 -8.20 4.55 23.51
N HIS A 247 -8.45 3.30 23.11
CA HIS A 247 -8.97 2.36 24.11
C HIS A 247 -8.01 2.08 25.25
N SER A 248 -6.69 2.10 24.99
CA SER A 248 -5.75 1.83 26.09
C SER A 248 -5.82 2.94 27.16
N THR A 249 -6.06 4.19 26.76
CA THR A 249 -6.15 5.26 27.78
C THR A 249 -7.44 5.30 28.57
N ILE A 250 -8.50 4.70 28.02
CA ILE A 250 -9.76 4.52 28.76
C ILE A 250 -9.74 3.23 29.60
N THR A 251 -9.47 2.08 28.96
CA THR A 251 -9.46 0.79 29.65
C THR A 251 -8.39 0.62 30.75
N ALA A 252 -7.25 1.27 30.63
CA ALA A 252 -6.21 1.23 31.68
C ALA A 252 -6.77 1.55 33.09
N TRP A 253 -7.86 2.30 33.16
CA TRP A 253 -8.44 2.74 34.46
C TRP A 253 -9.26 1.65 35.12
N GLY A 254 -9.56 0.59 34.36
CA GLY A 254 -10.30 -0.55 34.84
C GLY A 254 -11.75 -0.40 34.45
N LYS A 255 -12.43 -1.52 34.22
CA LYS A 255 -13.80 -1.48 33.67
C LYS A 255 -14.79 -0.69 34.52
N ASP A 256 -14.62 -0.71 35.84
CA ASP A 256 -15.54 0.06 36.69
C ASP A 256 -15.25 1.55 36.73
N HIS A 257 -14.19 1.98 36.03
CA HIS A 257 -13.76 3.38 36.18
C HIS A 257 -13.70 4.20 34.89
N GLU A 258 -14.50 3.78 33.91
CA GLU A 258 -14.67 4.54 32.66
C GLU A 258 -15.04 6.00 32.91
N LYS A 259 -15.96 6.24 33.85
CA LYS A 259 -16.34 7.62 34.20
C LYS A 259 -15.12 8.44 34.68
N ASP A 260 -14.28 7.83 35.53
CA ASP A 260 -13.04 8.47 36.00
C ASP A 260 -12.08 8.79 34.88
N ALA A 261 -11.96 7.87 33.91
CA ALA A 261 -11.15 8.09 32.72
C ALA A 261 -11.71 9.26 31.93
N PHE A 262 -13.01 9.30 31.65
CA PHE A 262 -13.60 10.42 30.86
C PHE A 262 -13.36 11.74 31.61
N GLU A 263 -13.70 11.77 32.90
CA GLU A 263 -13.51 13.01 33.67
C GLU A 263 -12.07 13.49 33.63
N HIS A 264 -11.12 12.60 33.86
CA HIS A 264 -9.68 12.98 33.84
C HIS A 264 -9.30 13.60 32.50
N ILE A 265 -9.70 12.91 31.42
CA ILE A 265 -9.25 13.31 30.10
C ILE A 265 -9.82 14.69 29.67
N VAL A 266 -11.12 14.92 29.90
CA VAL A 266 -11.76 16.19 29.47
C VAL A 266 -11.24 17.36 30.34
N THR A 267 -10.88 17.05 31.58
CA THR A 267 -10.30 18.06 32.45
C THR A 267 -8.86 18.37 32.04
N GLN A 268 -8.11 17.34 31.64
CA GLN A 268 -6.75 17.58 31.10
C GLN A 268 -6.76 18.49 29.87
N PHE A 269 -7.79 18.39 29.02
CA PHE A 269 -7.82 19.09 27.75
C PHE A 269 -9.07 19.97 27.75
N SER A 270 -9.12 20.85 28.76
CA SER A 270 -10.38 21.57 29.08
C SER A 270 -10.58 22.75 28.14
N SER A 271 -9.52 23.16 27.44
CA SER A 271 -9.55 24.40 26.70
C SER A 271 -9.22 24.20 25.22
N VAL A 272 -9.13 22.94 24.77
CA VAL A 272 -8.99 22.65 23.34
C VAL A 272 -10.06 21.59 22.99
N PRO A 273 -10.31 21.37 21.69
CA PRO A 273 -11.22 20.28 21.32
C PRO A 273 -10.59 18.97 21.84
N VAL A 274 -11.42 18.04 22.28
CA VAL A 274 -10.91 16.74 22.73
C VAL A 274 -11.88 15.67 22.29
N SER A 275 -11.35 14.67 21.62
CA SER A 275 -12.11 13.50 21.14
C SER A 275 -11.99 12.40 22.16
N VAL A 276 -13.12 11.81 22.58
CA VAL A 276 -13.02 10.75 23.59
C VAL A 276 -13.81 9.51 23.16
N VAL A 277 -13.06 8.45 22.86
CA VAL A 277 -13.67 7.18 22.42
C VAL A 277 -14.55 6.56 23.53
N SER A 278 -15.81 6.20 23.21
CA SER A 278 -16.82 6.03 24.25
C SER A 278 -17.47 4.67 24.18
N ASP A 279 -16.93 3.80 23.34
CA ASP A 279 -17.52 2.51 23.16
C ASP A 279 -16.74 1.33 23.78
N SER A 280 -15.78 1.59 24.68
CA SER A 280 -15.02 0.48 25.29
C SER A 280 -15.94 -0.66 25.79
N TYR A 281 -17.07 -0.31 26.42
CA TYR A 281 -17.93 -1.32 27.05
C TYR A 281 -19.37 -1.28 26.53
N ASP A 282 -19.91 -0.07 26.45
CA ASP A 282 -21.29 0.14 26.01
C ASP A 282 -21.41 1.63 25.63
N ILE A 283 -21.30 1.87 24.34
CA ILE A 283 -21.41 3.22 23.79
C ILE A 283 -22.71 3.95 24.22
N TYR A 284 -23.80 3.21 24.30
CA TYR A 284 -25.12 3.81 24.55
C TYR A 284 -25.25 4.28 25.99
N ASN A 285 -24.77 3.46 26.90
CA ASN A 285 -24.66 3.82 28.30
C ASN A 285 -23.72 5.00 28.51
N ALA A 286 -22.56 5.00 27.82
CA ALA A 286 -21.61 6.13 27.98
C ALA A 286 -22.26 7.46 27.54
N CYS A 287 -23.03 7.41 26.46
CA CYS A 287 -23.66 8.61 25.96
C CYS A 287 -24.75 9.09 26.89
N GLU A 288 -25.67 8.18 27.21
CA GLU A 288 -26.86 8.51 27.99
C GLU A 288 -26.57 8.75 29.46
N LYS A 289 -25.77 7.87 30.08
CA LYS A 289 -25.60 7.92 31.53
C LYS A 289 -24.31 8.68 31.95
N ILE A 290 -23.19 8.44 31.25
CA ILE A 290 -21.93 9.01 31.69
C ILE A 290 -21.80 10.44 31.22
N TRP A 291 -21.82 10.64 29.90
CA TRP A 291 -21.69 12.01 29.40
C TRP A 291 -23.01 12.75 29.67
N GLY A 292 -24.12 12.02 29.55
CA GLY A 292 -25.44 12.65 29.52
C GLY A 292 -26.02 13.01 30.88
N GLU A 293 -25.41 12.47 31.95
CA GLU A 293 -25.87 12.68 33.34
C GLU A 293 -24.68 12.92 34.25
N ASP A 294 -23.88 11.86 34.52
CA ASP A 294 -22.76 11.96 35.49
C ASP A 294 -21.81 13.10 35.22
N LEU A 295 -21.38 13.26 33.96
CA LEU A 295 -20.37 14.28 33.66
C LEU A 295 -20.91 15.44 32.82
N ARG A 296 -22.23 15.46 32.62
CA ARG A 296 -22.92 16.51 31.86
C ARG A 296 -22.41 17.92 32.25
N HIS A 297 -22.12 18.12 33.53
CA HIS A 297 -21.69 19.46 34.01
C HIS A 297 -20.33 19.90 33.48
N LEU A 298 -19.53 18.92 33.04
CA LEU A 298 -18.17 19.21 32.55
C LEU A 298 -18.15 19.45 31.04
N ILE A 299 -19.31 19.19 30.43
CA ILE A 299 -19.52 19.31 29.00
C ILE A 299 -20.20 20.63 28.68
N VAL A 300 -21.31 20.90 29.36
CA VAL A 300 -22.11 22.10 29.04
C VAL A 300 -21.34 23.42 29.30
N SER A 301 -20.21 23.32 30.02
CA SER A 301 -19.40 24.47 30.42
C SER A 301 -18.28 24.73 29.41
N ARG A 302 -18.09 23.80 28.46
CA ARG A 302 -17.05 23.96 27.44
C ARG A 302 -17.37 25.04 26.41
N SER A 303 -16.31 25.55 25.82
CA SER A 303 -16.39 26.60 24.82
C SER A 303 -16.72 26.01 23.43
N THR A 304 -17.16 26.87 22.54
CA THR A 304 -17.41 26.56 21.15
C THR A 304 -16.13 26.19 20.39
N GLN A 305 -15.01 26.75 20.85
CA GLN A 305 -13.70 26.44 20.28
C GLN A 305 -13.01 25.22 20.90
N ALA A 306 -13.65 24.61 21.90
CA ALA A 306 -13.08 23.49 22.61
C ALA A 306 -14.18 22.46 22.91
N PRO A 307 -14.90 22.00 21.87
CA PRO A 307 -15.96 21.05 22.15
C PRO A 307 -15.45 19.65 22.69
N LEU A 308 -16.36 18.93 23.37
CA LEU A 308 -16.22 17.48 23.51
C LEU A 308 -16.64 16.80 22.20
N ILE A 309 -15.74 15.96 21.68
CA ILE A 309 -16.07 15.18 20.50
C ILE A 309 -16.24 13.73 20.93
N ILE A 310 -17.49 13.26 21.00
CA ILE A 310 -17.74 11.86 21.40
C ILE A 310 -17.37 10.95 20.21
N ARG A 311 -16.57 9.89 20.44
CA ARG A 311 -16.26 8.99 19.31
C ARG A 311 -16.82 7.59 19.50
N PRO A 312 -17.96 7.27 18.86
CA PRO A 312 -18.29 5.84 18.77
C PRO A 312 -17.23 5.09 17.90
N ASP A 313 -17.08 3.77 18.07
CA ASP A 313 -16.03 3.06 17.31
C ASP A 313 -16.34 1.60 17.05
N SER A 314 -17.62 1.26 16.88
CA SER A 314 -18.01 -0.16 16.72
C SER A 314 -19.49 -0.24 16.44
N GLY A 315 -19.94 -1.38 15.95
CA GLY A 315 -21.33 -1.55 15.53
C GLY A 315 -21.55 -1.10 14.10
N ASN A 316 -22.75 -1.31 13.60
CA ASN A 316 -23.08 -0.83 12.27
C ASN A 316 -22.88 0.68 12.22
N PRO A 317 -22.02 1.21 11.30
CA PRO A 317 -21.70 2.67 11.37
C PRO A 317 -22.95 3.61 11.31
N LEU A 318 -23.86 3.36 10.38
CA LEU A 318 -25.10 4.17 10.28
C LEU A 318 -25.98 4.00 11.53
N ASP A 319 -26.26 2.77 11.94
CA ASP A 319 -27.21 2.58 13.04
C ASP A 319 -26.66 3.26 14.28
N THR A 320 -25.34 3.13 14.45
CA THR A 320 -24.69 3.61 15.67
C THR A 320 -24.68 5.14 15.71
N VAL A 321 -24.24 5.78 14.63
CA VAL A 321 -24.30 7.25 14.58
C VAL A 321 -25.71 7.76 14.90
N LEU A 322 -26.73 7.18 14.26
CA LEU A 322 -28.11 7.69 14.45
C LEU A 322 -28.60 7.53 15.89
N LYS A 323 -28.16 6.45 16.53
CA LYS A 323 -28.60 6.16 17.90
C LYS A 323 -27.87 7.03 18.89
N VAL A 324 -26.57 7.24 18.66
CA VAL A 324 -25.82 8.19 19.44
C VAL A 324 -26.46 9.57 19.33
N LEU A 325 -26.77 10.00 18.11
CA LEU A 325 -27.41 11.33 17.96
C LEU A 325 -28.76 11.42 18.69
N GLU A 326 -29.58 10.37 18.55
CA GLU A 326 -30.86 10.33 19.28
C GLU A 326 -30.70 10.46 20.81
N ILE A 327 -29.72 9.73 21.37
CA ILE A 327 -29.42 9.77 22.79
C ILE A 327 -29.01 11.17 23.25
N LEU A 328 -28.01 11.73 22.58
CA LEU A 328 -27.50 13.02 22.89
C LEU A 328 -28.58 14.12 22.72
N GLY A 329 -29.46 13.97 21.71
CA GLY A 329 -30.49 14.99 21.47
C GLY A 329 -31.54 14.99 22.56
N LYS A 330 -31.65 13.88 23.30
CA LYS A 330 -32.53 13.81 24.48
C LYS A 330 -31.87 14.27 25.79
N LYS A 331 -30.53 14.25 25.84
CA LYS A 331 -29.85 14.71 27.03
C LYS A 331 -29.31 16.14 26.98
N PHE A 332 -29.20 16.72 25.78
CA PHE A 332 -28.58 18.05 25.60
C PHE A 332 -29.56 18.90 24.81
N PRO A 333 -29.52 20.24 24.98
CA PRO A 333 -30.45 21.13 24.24
C PRO A 333 -30.26 21.15 22.70
N VAL A 334 -31.16 20.55 21.95
CA VAL A 334 -31.05 20.61 20.50
C VAL A 334 -31.71 21.88 19.95
N THR A 335 -31.08 22.51 18.98
CA THR A 335 -31.74 23.53 18.18
C THR A 335 -32.10 23.07 16.78
N GLU A 336 -32.85 23.92 16.08
CA GLU A 336 -33.17 23.67 14.72
C GLU A 336 -32.61 24.82 13.94
N ASN A 337 -31.71 24.51 13.00
CA ASN A 337 -31.07 25.54 12.21
C ASN A 337 -32.02 26.08 11.12
N SER A 338 -31.52 27.02 10.32
CA SER A 338 -32.42 27.75 9.41
C SER A 338 -32.91 26.86 8.28
N LYS A 339 -32.30 25.68 8.14
CA LYS A 339 -32.67 24.74 7.11
C LYS A 339 -33.68 23.74 7.65
N GLY A 340 -33.98 23.82 8.94
CA GLY A 340 -34.92 22.86 9.52
C GLY A 340 -34.28 21.62 10.11
N TYR A 341 -32.95 21.59 10.15
CA TYR A 341 -32.23 20.39 10.63
C TYR A 341 -31.77 20.56 12.08
N LYS A 342 -31.70 19.45 12.81
CA LYS A 342 -31.33 19.49 14.22
C LYS A 342 -29.83 19.66 14.42
N LEU A 343 -29.51 20.42 15.46
CA LEU A 343 -28.14 20.84 15.76
C LEU A 343 -27.81 20.71 17.26
N LEU A 344 -26.76 19.94 17.60
CA LEU A 344 -26.34 19.82 18.99
C LEU A 344 -25.79 21.15 19.44
N PRO A 345 -25.67 21.37 20.76
CA PRO A 345 -24.98 22.62 21.23
C PRO A 345 -23.56 22.63 20.72
N PRO A 346 -22.97 23.85 20.59
CA PRO A 346 -21.64 24.00 20.02
C PRO A 346 -20.48 23.33 20.78
N TYR A 347 -20.68 23.03 22.06
CA TYR A 347 -19.70 22.38 22.90
C TYR A 347 -19.72 20.84 22.73
N LEU A 348 -20.58 20.31 21.85
CA LEU A 348 -20.73 18.87 21.73
C LEU A 348 -20.85 18.42 20.29
N ARG A 349 -19.99 17.47 19.92
CA ARG A 349 -19.97 16.95 18.55
C ARG A 349 -19.64 15.46 18.57
N VAL A 350 -19.76 14.82 17.39
CA VAL A 350 -19.58 13.35 17.17
C VAL A 350 -18.56 13.11 16.02
N ILE A 351 -17.65 12.15 16.22
CA ILE A 351 -16.78 11.70 15.14
C ILE A 351 -16.97 10.19 14.98
N GLN A 352 -17.26 9.74 13.76
CA GLN A 352 -17.38 8.32 13.45
C GLN A 352 -16.10 7.91 12.76
N GLY A 353 -15.33 7.01 13.37
CA GLY A 353 -13.95 6.68 12.92
C GLY A 353 -13.76 5.19 12.61
N ASP A 354 -14.86 4.45 12.59
CA ASP A 354 -14.87 2.98 12.37
C ASP A 354 -15.66 2.62 11.10
N GLY A 355 -15.08 1.76 10.26
CA GLY A 355 -15.76 1.28 9.02
C GLY A 355 -16.02 2.39 8.00
N VAL A 356 -15.22 3.47 8.05
CA VAL A 356 -15.42 4.62 7.15
C VAL A 356 -14.68 4.47 5.82
N ASP A 357 -15.47 4.40 4.75
CA ASP A 357 -14.96 4.56 3.39
C ASP A 357 -15.96 5.43 2.59
N ILE A 358 -15.67 5.69 1.32
CA ILE A 358 -16.56 6.58 0.55
C ILE A 358 -18.01 6.06 0.53
N ASN A 359 -18.23 4.73 0.44
CA ASN A 359 -19.59 4.21 0.46
C ASN A 359 -20.29 4.39 1.80
N THR A 360 -19.64 4.01 2.89
CA THR A 360 -20.32 4.16 4.18
C THR A 360 -20.43 5.64 4.60
N LEU A 361 -19.49 6.49 4.20
CA LEU A 361 -19.63 7.93 4.49
C LEU A 361 -20.92 8.52 3.84
N GLN A 362 -21.16 8.13 2.59
CA GLN A 362 -22.38 8.48 1.85
C GLN A 362 -23.63 7.93 2.55
N GLU A 363 -23.58 6.65 2.96
CA GLU A 363 -24.70 6.06 3.67
CA GLU A 363 -24.69 6.04 3.70
C GLU A 363 -25.03 6.81 5.00
N ILE A 364 -24.01 7.19 5.76
CA ILE A 364 -24.20 7.93 7.01
C ILE A 364 -24.76 9.33 6.81
N VAL A 365 -24.19 10.11 5.90
CA VAL A 365 -24.69 11.49 5.71
C VAL A 365 -26.12 11.46 5.17
N GLU A 366 -26.43 10.48 4.27
CA GLU A 366 -27.78 10.34 3.76
C GLU A 366 -28.73 9.97 4.90
N GLY A 367 -28.35 8.95 5.68
CA GLY A 367 -29.24 8.48 6.76
C GLY A 367 -29.49 9.57 7.80
N MET A 368 -28.46 10.37 8.05
CA MET A 368 -28.57 11.57 8.90
C MET A 368 -29.58 12.59 8.37
N LYS A 369 -29.40 12.99 7.11
CA LYS A 369 -30.33 13.92 6.44
C LYS A 369 -31.78 13.43 6.53
N GLN A 370 -31.96 12.12 6.34
CA GLN A 370 -33.26 11.48 6.43
C GLN A 370 -33.92 11.66 7.77
N LYS A 371 -33.08 11.59 8.79
CA LYS A 371 -33.53 11.74 10.15
C LYS A 371 -33.46 13.20 10.65
N MET A 372 -33.22 14.14 9.73
CA MET A 372 -33.28 15.59 10.04
C MET A 372 -32.16 16.08 10.95
N TRP A 373 -31.02 15.39 10.91
CA TRP A 373 -29.80 15.79 11.61
C TRP A 373 -28.89 16.53 10.67
N SER A 374 -28.43 17.72 11.11
CA SER A 374 -27.49 18.50 10.31
C SER A 374 -26.16 17.74 10.18
N ILE A 375 -25.58 17.77 8.98
CA ILE A 375 -24.20 17.26 8.83
C ILE A 375 -23.20 18.10 9.63
N GLU A 376 -23.62 19.28 10.10
CA GLU A 376 -22.77 20.02 11.10
C GLU A 376 -22.42 19.18 12.34
N ASN A 377 -23.28 18.24 12.74
CA ASN A 377 -23.04 17.51 13.98
C ASN A 377 -21.90 16.45 13.93
N ILE A 378 -21.51 16.07 12.72
CA ILE A 378 -20.70 14.88 12.52
C ILE A 378 -19.40 15.24 11.81
N ALA A 379 -18.34 14.47 12.14
CA ALA A 379 -17.08 14.41 11.41
C ALA A 379 -16.74 12.92 11.23
N PHE A 380 -15.83 12.65 10.31
CA PHE A 380 -15.39 11.28 10.05
C PHE A 380 -13.90 11.12 10.20
N GLY A 381 -13.49 9.91 10.58
CA GLY A 381 -12.05 9.55 10.63
C GLY A 381 -12.03 8.29 9.77
N SER A 382 -11.02 8.15 8.90
CA SER A 382 -10.91 6.97 8.02
C SER A 382 -9.43 6.58 7.89
N GLY A 383 -9.13 5.30 8.04
CA GLY A 383 -7.76 4.77 7.97
C GLY A 383 -7.52 4.05 6.67
N GLY A 384 -7.77 2.75 6.69
CA GLY A 384 -7.75 1.86 5.50
C GLY A 384 -8.55 2.30 4.30
N GLY A 385 -9.78 2.73 4.55
CA GLY A 385 -10.59 3.31 3.48
C GLY A 385 -9.99 4.48 2.73
N LEU A 386 -9.29 5.33 3.47
CA LEU A 386 -8.68 6.53 2.92
C LEU A 386 -7.32 6.26 2.23
N LEU A 387 -6.48 5.45 2.88
CA LEU A 387 -5.07 5.31 2.46
C LEU A 387 -4.63 3.93 1.96
N GLN A 388 -5.38 2.88 2.22
CA GLN A 388 -4.87 1.56 1.87
C GLN A 388 -5.78 0.79 0.91
N LYS A 389 -7.09 0.88 1.09
CA LYS A 389 -8.03 0.05 0.33
C LYS A 389 -8.27 0.70 -1.07
N LEU A 390 -7.20 0.80 -1.87
CA LEU A 390 -7.15 1.45 -3.19
C LEU A 390 -6.13 0.67 -4.02
N THR A 391 -6.41 0.48 -5.29
CA THR A 391 -5.43 -0.15 -6.17
C THR A 391 -5.17 0.71 -7.40
N ARG A 392 -4.10 0.37 -8.11
CA ARG A 392 -3.78 0.97 -9.37
C ARG A 392 -4.93 0.74 -10.35
N ASP A 393 -5.81 -0.23 -10.08
CA ASP A 393 -6.90 -0.49 -11.00
C ASP A 393 -8.17 0.36 -10.80
N LEU A 394 -8.31 1.02 -9.64
CA LEU A 394 -9.48 1.86 -9.38
C LEU A 394 -9.61 2.94 -10.44
N LEU A 395 -8.51 3.61 -10.82
CA LEU A 395 -8.58 4.57 -11.95
C LEU A 395 -7.91 4.02 -13.24
N ASN A 396 -7.71 2.70 -13.30
CA ASN A 396 -7.13 2.08 -14.49
C ASN A 396 -5.84 2.77 -14.93
N CYS A 397 -4.97 3.11 -13.97
CA CYS A 397 -3.71 3.76 -14.30
C CYS A 397 -2.74 2.86 -15.11
N SER A 398 -2.25 3.38 -16.25
CA SER A 398 -1.42 2.63 -17.20
C SER A 398 -0.48 3.56 -17.95
N PHE A 399 0.66 3.03 -18.35
CA PHE A 399 1.73 3.74 -19.00
C PHE A 399 2.04 2.91 -20.23
N LYS A 400 1.96 3.52 -21.41
CA LYS A 400 2.15 2.81 -22.69
C LYS A 400 3.08 3.64 -23.61
N CYS A 401 3.88 2.92 -24.40
CA CYS A 401 4.62 3.51 -25.54
C CYS A 401 3.65 3.86 -26.67
N SER A 402 3.67 5.11 -27.13
CA SER A 402 2.76 5.57 -28.22
C SER A 402 3.50 6.07 -29.52
N TYR A 403 4.83 6.20 -29.47
CA TYR A 403 5.61 6.76 -30.58
C TYR A 403 7.07 6.31 -30.47
N VAL A 404 7.66 5.93 -31.60
CA VAL A 404 9.07 5.56 -31.65
C VAL A 404 9.67 6.13 -32.90
N VAL A 405 10.97 6.36 -32.89
CA VAL A 405 11.70 6.71 -34.12
C VAL A 405 12.68 5.57 -34.41
N THR A 406 12.51 4.98 -35.58
CA THR A 406 13.32 3.85 -36.02
C THR A 406 13.81 4.15 -37.44
N ASN A 407 15.12 4.09 -37.65
CA ASN A 407 15.70 4.57 -38.91
C ASN A 407 15.37 6.01 -39.29
N GLY A 408 15.35 6.88 -38.27
CA GLY A 408 15.04 8.31 -38.43
C GLY A 408 13.61 8.64 -38.87
N LEU A 409 12.75 7.63 -38.98
CA LEU A 409 11.32 7.82 -39.30
C LEU A 409 10.41 7.60 -38.05
N GLY A 410 9.51 8.54 -37.79
CA GLY A 410 8.62 8.45 -36.60
C GLY A 410 7.53 7.47 -36.90
N ILE A 411 7.16 6.59 -35.96
CA ILE A 411 5.98 5.77 -36.19
C ILE A 411 5.04 5.79 -34.98
N ASN A 412 3.74 5.81 -35.26
CA ASN A 412 2.70 5.86 -34.22
C ASN A 412 2.44 4.43 -33.77
N VAL A 413 2.64 4.13 -32.50
CA VAL A 413 2.50 2.77 -32.01
C VAL A 413 1.45 2.68 -30.88
N PHE A 414 0.87 1.51 -30.71
CA PHE A 414 -0.23 1.32 -29.78
C PHE A 414 -0.50 -0.20 -29.65
N LYS A 415 -1.23 -0.58 -28.59
CA LYS A 415 -1.81 -1.93 -28.48
C LYS A 415 -3.32 -1.82 -28.67
N ASP A 416 -3.92 -2.93 -29.09
CA ASP A 416 -5.36 -2.97 -29.24
C ASP A 416 -5.82 -4.43 -29.15
N PRO A 417 -5.81 -4.99 -27.91
CA PRO A 417 -6.06 -6.44 -27.80
C PRO A 417 -7.45 -6.78 -28.24
N VAL A 418 -7.59 -7.86 -29.01
CA VAL A 418 -8.90 -8.22 -29.60
C VAL A 418 -10.04 -8.38 -28.56
N ALA A 419 -9.77 -9.07 -27.44
CA ALA A 419 -10.82 -9.39 -26.49
C ALA A 419 -11.03 -8.28 -25.44
N ASP A 420 -10.26 -7.19 -25.53
CA ASP A 420 -10.45 -6.09 -24.58
C ASP A 420 -10.15 -4.71 -25.17
N PRO A 421 -11.16 -4.13 -25.86
CA PRO A 421 -11.17 -2.77 -26.40
C PRO A 421 -10.76 -1.72 -25.32
N ASN A 422 -11.03 -2.02 -24.06
CA ASN A 422 -10.68 -1.11 -22.97
C ASN A 422 -9.17 -1.02 -22.66
N LYS A 423 -8.40 -1.97 -23.19
CA LYS A 423 -6.92 -1.89 -23.17
C LYS A 423 -6.29 -1.27 -24.41
N ARG A 424 -7.10 -0.74 -25.33
CA ARG A 424 -6.56 0.07 -26.44
C ARG A 424 -5.76 1.30 -25.94
N SER A 425 -4.59 1.52 -26.52
CA SER A 425 -3.79 2.64 -26.15
C SER A 425 -3.79 3.73 -27.23
N LYS A 426 -3.29 4.95 -26.89
CA LYS A 426 -3.30 6.09 -27.81
C LYS A 426 -2.12 6.03 -28.80
N LYS A 427 -2.26 6.65 -29.99
CA LYS A 427 -1.21 6.63 -31.03
C LYS A 427 -0.42 7.92 -31.18
N GLY A 428 0.89 7.80 -31.35
CA GLY A 428 1.72 8.93 -31.74
C GLY A 428 1.98 9.92 -30.64
N ARG A 429 2.48 11.09 -31.03
CA ARG A 429 2.79 12.15 -30.05
C ARG A 429 1.49 12.83 -29.53
N LEU A 430 1.47 13.09 -28.23
CA LEU A 430 0.22 13.46 -27.56
C LEU A 430 0.31 14.84 -27.00
N SER A 431 -0.83 15.49 -26.89
CA SER A 431 -0.90 16.79 -26.23
C SER A 431 -2.29 16.96 -25.63
N LEU A 432 -2.37 17.73 -24.55
CA LEU A 432 -3.61 17.92 -23.80
C LEU A 432 -4.10 19.38 -23.96
N HIS A 433 -5.39 19.53 -24.31
CA HIS A 433 -5.94 20.84 -24.63
C HIS A 433 -7.29 21.08 -23.97
N ARG A 434 -7.66 22.35 -23.83
CA ARG A 434 -9.02 22.76 -23.52
C ARG A 434 -9.80 22.71 -24.78
N THR A 435 -11.03 22.23 -24.68
CA THR A 435 -11.97 22.27 -25.81
C THR A 435 -12.72 23.60 -25.84
N PRO A 436 -13.29 24.00 -27.01
CA PRO A 436 -14.07 25.26 -27.05
C PRO A 436 -15.13 25.40 -25.93
N ALA A 437 -15.77 24.31 -25.55
CA ALA A 437 -16.69 24.38 -24.41
C ALA A 437 -16.01 24.26 -23.04
N GLY A 438 -14.67 24.37 -22.99
CA GLY A 438 -13.91 24.33 -21.73
C GLY A 438 -13.66 22.96 -21.09
N ASN A 439 -13.76 21.89 -21.86
CA ASN A 439 -13.46 20.56 -21.36
C ASN A 439 -12.03 20.23 -21.78
N PHE A 440 -11.65 18.98 -21.73
CA PHE A 440 -10.32 18.55 -22.11
C PHE A 440 -10.35 17.60 -23.27
N VAL A 441 -9.28 17.62 -24.08
CA VAL A 441 -9.11 16.65 -25.13
C VAL A 441 -7.62 16.33 -25.25
N THR A 442 -7.33 15.04 -25.46
CA THR A 442 -5.97 14.63 -25.75
C THR A 442 -5.88 14.40 -27.24
N LEU A 443 -5.01 15.16 -27.88
CA LEU A 443 -4.81 15.04 -29.31
C LEU A 443 -3.69 14.06 -29.61
N GLU A 444 -3.98 13.15 -30.54
CA GLU A 444 -3.09 12.06 -30.89
C GLU A 444 -2.40 12.36 -32.21
N GLU A 445 -1.37 11.57 -32.51
CA GLU A 445 -0.68 11.57 -33.81
C GLU A 445 -0.03 12.88 -34.11
N GLY A 446 0.44 13.56 -33.06
CA GLY A 446 1.10 14.85 -33.21
C GLY A 446 0.18 15.97 -33.72
N LYS A 447 -1.14 15.76 -33.71
CA LYS A 447 -2.09 16.78 -34.14
C LYS A 447 -2.14 18.08 -33.35
N GLY A 448 -1.61 18.12 -32.12
CA GLY A 448 -1.49 19.39 -31.40
C GLY A 448 -0.59 20.39 -32.11
N ASP A 449 0.30 19.93 -33.00
CA ASP A 449 1.16 20.80 -33.80
C ASP A 449 0.39 21.66 -34.79
N LEU A 450 -0.81 21.21 -35.18
CA LEU A 450 -1.73 21.97 -36.03
C LEU A 450 -2.31 23.21 -35.34
N GLU A 451 -2.10 23.33 -34.03
CA GLU A 451 -2.58 24.47 -33.24
C GLU A 451 -4.02 24.94 -33.46
N GLU A 452 -4.95 24.01 -33.59
CA GLU A 452 -6.35 24.34 -33.79
C GLU A 452 -7.02 24.38 -32.44
N TYR A 453 -6.26 24.05 -31.40
CA TYR A 453 -6.84 23.80 -30.10
C TYR A 453 -6.11 24.50 -28.98
N GLY A 454 -5.49 25.64 -29.27
CA GLY A 454 -4.88 26.41 -28.19
C GLY A 454 -3.72 25.61 -27.63
N GLN A 455 -3.18 26.03 -26.49
CA GLN A 455 -1.87 25.54 -26.16
C GLN A 455 -1.88 24.27 -25.29
N ASP A 456 -0.86 23.46 -25.48
CA ASP A 456 -0.68 22.22 -24.76
C ASP A 456 -0.59 22.54 -23.24
N LEU A 457 -1.43 21.88 -22.46
CA LEU A 457 -1.39 21.98 -20.98
C LEU A 457 -0.25 21.21 -20.27
N LEU A 458 0.52 20.36 -20.98
CA LEU A 458 1.64 19.62 -20.38
C LEU A 458 2.81 20.54 -20.46
N HIS A 459 3.56 20.66 -19.37
CA HIS A 459 4.79 21.47 -19.29
C HIS A 459 5.94 20.56 -18.94
N THR A 460 7.15 20.89 -19.42
CA THR A 460 8.35 20.11 -19.07
C THR A 460 8.56 20.31 -17.57
N VAL A 461 8.57 19.21 -16.82
CA VAL A 461 8.86 19.28 -15.38
C VAL A 461 10.21 18.65 -15.04
N PHE A 462 10.76 17.91 -16.00
CA PHE A 462 12.04 17.23 -15.84
C PHE A 462 12.72 17.20 -17.22
N LYS A 463 14.02 17.49 -17.25
CA LYS A 463 14.79 17.37 -18.47
C LYS A 463 16.24 17.20 -18.05
N ASN A 464 16.84 16.09 -18.48
CA ASN A 464 18.27 15.79 -18.34
C ASN A 464 18.80 15.94 -16.91
N GLY A 465 18.09 15.35 -15.96
CA GLY A 465 18.52 15.25 -14.58
C GLY A 465 18.05 16.43 -13.73
N LYS A 466 17.36 17.38 -14.33
CA LYS A 466 16.95 18.60 -13.60
C LYS A 466 15.48 18.70 -13.51
N VAL A 467 14.98 19.08 -12.34
CA VAL A 467 13.58 19.43 -12.17
C VAL A 467 13.40 20.86 -12.68
N THR A 468 12.58 21.01 -13.72
CA THR A 468 12.55 22.28 -14.46
C THR A 468 11.34 23.16 -14.14
N LYS A 469 10.36 22.63 -13.40
CA LYS A 469 9.17 23.39 -13.01
C LYS A 469 8.56 22.65 -11.82
N SER A 470 8.37 23.41 -10.74
CA SER A 470 7.80 22.98 -9.45
C SER A 470 6.50 23.70 -9.10
N TYR A 471 5.71 23.07 -8.22
CA TYR A 471 4.42 23.61 -7.72
C TYR A 471 4.50 23.58 -6.22
N SER A 472 4.07 24.64 -5.57
CA SER A 472 3.97 24.61 -4.11
C SER A 472 2.69 23.83 -3.77
N PHE A 473 2.63 23.35 -2.55
CA PHE A 473 1.44 22.68 -2.05
C PHE A 473 0.21 23.61 -2.04
N ASP A 474 0.44 24.90 -1.79
CA ASP A 474 -0.62 25.92 -1.92
C ASP A 474 -1.25 26.02 -3.33
N GLU A 475 -0.44 26.05 -4.39
CA GLU A 475 -0.99 26.03 -5.77
C GLU A 475 -1.77 24.75 -6.05
N ILE A 476 -1.24 23.60 -5.62
CA ILE A 476 -1.92 22.31 -5.79
C ILE A 476 -3.37 22.28 -5.16
N ARG A 477 -3.50 22.73 -3.90
CA ARG A 477 -4.80 22.86 -3.22
C ARG A 477 -5.73 23.77 -4.00
N LYS A 478 -5.19 24.92 -4.46
CA LYS A 478 -5.97 25.82 -5.32
C LYS A 478 -6.43 25.11 -6.59
N ASN A 479 -5.53 24.41 -7.30
CA ASN A 479 -5.94 23.69 -8.50
C ASN A 479 -7.02 22.65 -8.24
N ALA A 480 -6.93 21.99 -7.08
CA ALA A 480 -7.80 20.84 -6.77
C ALA A 480 -9.13 21.21 -6.07
N GLN A 481 -9.39 22.51 -5.92
CA GLN A 481 -10.65 22.98 -5.29
C GLN A 481 -11.88 22.35 -5.90
N LEU A 482 -12.94 22.20 -5.10
CA LEU A 482 -14.25 21.89 -5.67
C LEU A 482 -14.78 23.12 -6.44
N ASN A 483 -15.61 22.91 -7.46
CA ASN A 483 -16.40 24.00 -8.10
C ASN A 483 -17.17 24.92 -7.16
N ILE A 484 -18.18 24.34 -6.49
CA ILE A 484 -19.32 25.09 -5.89
C ILE A 484 -19.66 26.45 -6.58
N PHE B 9 14.94 9.71 9.36
CA PHE B 9 13.73 9.15 10.05
C PHE B 9 13.73 9.53 11.52
N ASN B 10 12.57 9.88 12.05
CA ASN B 10 12.48 10.33 13.44
C ASN B 10 11.30 9.68 14.11
N ILE B 11 11.58 8.71 14.97
CA ILE B 11 10.54 7.96 15.66
C ILE B 11 9.58 8.85 16.47
N LEU B 12 10.05 10.03 16.87
CA LEU B 12 9.20 10.98 17.60
C LEU B 12 8.10 11.54 16.70
N LEU B 13 8.29 11.42 15.38
CA LEU B 13 7.34 11.92 14.43
C LEU B 13 6.71 10.76 13.62
N ALA B 14 6.85 9.53 14.16
CA ALA B 14 6.35 8.30 13.48
C ALA B 14 5.25 7.56 14.28
N THR B 15 4.29 8.33 14.79
CA THR B 15 3.16 7.80 15.55
C THR B 15 1.89 8.57 15.09
N ASP B 16 0.72 8.07 15.45
CA ASP B 16 -0.52 8.79 15.19
C ASP B 16 -0.49 10.03 16.06
N SER B 17 -0.87 11.18 15.49
CA SER B 17 -0.82 12.42 16.32
C SER B 17 -1.43 12.28 17.73
N TYR B 18 -2.61 11.67 17.85
CA TYR B 18 -3.30 11.53 19.15
C TYR B 18 -2.46 10.90 20.25
N LYS B 19 -1.52 10.05 19.84
CA LYS B 19 -0.72 9.31 20.81
C LYS B 19 0.29 10.24 21.50
N VAL B 20 0.59 11.35 20.85
CA VAL B 20 1.41 12.40 21.44
C VAL B 20 0.72 12.92 22.71
N THR B 21 -0.61 12.87 22.75
CA THR B 21 -1.36 13.41 23.92
C THR B 21 -1.70 12.36 24.97
N HIS B 22 -1.35 11.10 24.73
CA HIS B 22 -1.81 10.01 25.61
C HIS B 22 -1.12 9.94 26.98
N TYR B 23 0.12 10.43 27.06
CA TYR B 23 0.85 10.41 28.35
C TYR B 23 0.08 11.17 29.41
N LYS B 24 -0.78 12.13 29.00
CA LYS B 24 -1.65 12.89 29.91
C LYS B 24 -2.97 12.20 30.28
N GLN B 25 -3.23 11.02 29.74
CA GLN B 25 -4.59 10.41 29.83
C GLN B 25 -4.65 9.11 30.64
N TYR B 26 -3.49 8.44 30.77
CA TYR B 26 -3.36 7.22 31.59
C TYR B 26 -3.64 7.49 33.08
N PRO B 27 -4.05 6.48 33.85
CA PRO B 27 -4.23 6.81 35.28
C PRO B 27 -2.93 7.27 35.91
N PRO B 28 -3.01 8.19 36.87
CA PRO B 28 -1.84 8.60 37.64
C PRO B 28 -1.12 7.39 38.22
N ASN B 29 0.21 7.46 38.31
CA ASN B 29 1.05 6.39 38.86
C ASN B 29 0.93 5.06 38.11
N THR B 30 0.86 5.13 36.78
CA THR B 30 0.95 3.93 35.99
C THR B 30 2.42 3.76 35.66
N SER B 31 2.96 2.58 35.99
CA SER B 31 4.37 2.26 35.79
C SER B 31 4.58 1.20 34.70
N LYS B 32 3.49 0.56 34.26
CA LYS B 32 3.57 -0.47 33.23
C LYS B 32 2.32 -0.41 32.35
N VAL B 33 2.56 -0.34 31.03
CA VAL B 33 1.56 -0.62 30.03
C VAL B 33 2.10 -1.78 29.22
N TYR B 34 1.29 -2.83 29.13
CA TYR B 34 1.63 -4.03 28.39
C TYR B 34 0.57 -4.24 27.33
N SER B 35 1.03 -4.40 26.08
CA SER B 35 0.13 -4.55 24.93
C SER B 35 0.45 -5.73 24.03
N TYR B 36 -0.48 -6.12 23.14
CA TYR B 36 -0.21 -7.28 22.27
C TYR B 36 -0.86 -7.13 20.92
N PHE B 37 -0.31 -7.84 19.95
CA PHE B 37 -0.82 -7.88 18.61
C PHE B 37 -1.38 -9.25 18.33
N GLU B 38 -2.58 -9.27 17.75
CA GLU B 38 -3.17 -10.50 17.15
C GLU B 38 -3.88 -10.24 15.80
N CYS B 39 -4.03 -11.31 15.02
CA CYS B 39 -4.92 -11.38 13.85
C CYS B 39 -6.27 -11.92 14.34
N ARG B 40 -7.12 -10.97 14.74
CA ARG B 40 -8.33 -11.21 15.57
C ARG B 40 -9.28 -12.05 14.77
N GLU B 41 -10.10 -12.84 15.44
CA GLU B 41 -10.87 -13.86 14.75
C GLU B 41 -12.05 -13.38 13.88
N TYR B 54 -9.24 -17.61 5.64
CA TYR B 54 -7.83 -17.35 6.11
C TYR B 54 -7.62 -17.72 7.59
N GLU B 55 -7.65 -19.01 7.92
CA GLU B 55 -7.65 -19.36 9.35
C GLU B 55 -6.30 -19.38 10.04
N GLU B 56 -5.23 -19.33 9.27
CA GLU B 56 -3.88 -19.36 9.85
C GLU B 56 -3.00 -18.36 9.14
N THR B 57 -2.11 -17.70 9.88
CA THR B 57 -1.37 -16.58 9.34
C THR B 57 0.14 -16.85 9.43
N VAL B 58 0.90 -16.44 8.43
CA VAL B 58 2.34 -16.57 8.51
C VAL B 58 2.84 -15.33 9.28
N PHE B 59 3.56 -15.52 10.39
CA PHE B 59 4.07 -14.37 11.10
C PHE B 59 5.40 -13.92 10.47
N TYR B 60 5.43 -12.76 9.80
CA TYR B 60 6.67 -12.32 9.10
C TYR B 60 6.75 -10.82 9.08
N GLY B 61 7.93 -10.28 9.32
CA GLY B 61 8.23 -8.87 8.98
C GLY B 61 8.60 -7.98 10.18
N LEU B 62 8.37 -8.46 11.39
CA LEU B 62 8.68 -7.63 12.59
C LEU B 62 10.20 -7.29 12.63
N GLN B 63 11.04 -8.26 12.30
CA GLN B 63 12.48 -8.10 12.36
C GLN B 63 13.00 -6.93 11.48
N TYR B 64 12.44 -6.77 10.28
CA TYR B 64 12.63 -5.55 9.43
C TYR B 64 12.40 -4.25 10.25
N ILE B 65 11.23 -4.17 10.88
CA ILE B 65 10.82 -3.02 11.74
C ILE B 65 11.80 -2.76 12.94
N LEU B 66 12.08 -3.82 13.69
CA LEU B 66 13.04 -3.78 14.81
C LEU B 66 14.37 -3.17 14.37
N ASN B 67 14.91 -3.72 13.28
CA ASN B 67 16.20 -3.29 12.77
C ASN B 67 16.20 -1.92 12.11
N LYS B 68 15.23 -1.66 11.24
CA LYS B 68 15.25 -0.40 10.50
C LYS B 68 14.89 0.79 11.39
N TYR B 69 13.93 0.59 12.32
CA TYR B 69 13.29 1.71 12.98
C TYR B 69 13.48 1.83 14.47
N LEU B 70 13.64 0.70 15.15
CA LEU B 70 13.53 0.69 16.64
C LEU B 70 14.84 0.53 17.40
N LYS B 71 15.85 -0.11 16.79
CA LYS B 71 17.07 -0.46 17.55
C LYS B 71 18.07 0.69 17.62
N GLY B 72 18.89 0.67 18.65
CA GLY B 72 19.99 1.64 18.71
C GLY B 72 19.50 2.98 19.22
N LYS B 73 20.29 4.00 18.92
CA LYS B 73 20.03 5.31 19.48
C LYS B 73 19.05 5.99 18.56
N VAL B 74 17.79 6.03 18.95
CA VAL B 74 16.74 6.52 18.04
C VAL B 74 16.23 7.89 18.49
N VAL B 75 16.82 8.39 19.58
CA VAL B 75 16.49 9.73 20.13
C VAL B 75 17.76 10.53 20.27
N THR B 76 17.73 11.73 19.72
CA THR B 76 18.79 12.73 19.83
C THR B 76 18.17 14.09 20.24
N LYS B 77 19.01 15.00 20.70
CA LYS B 77 18.59 16.37 21.00
C LYS B 77 17.92 17.04 19.80
N GLU B 78 18.38 16.72 18.59
CA GLU B 78 17.81 17.35 17.40
C GLU B 78 16.44 16.79 17.01
N LYS B 79 16.27 15.47 17.12
CA LYS B 79 14.95 14.87 16.91
C LYS B 79 13.93 15.40 17.93
N ILE B 80 14.35 15.68 19.15
CA ILE B 80 13.42 16.17 20.17
C ILE B 80 12.97 17.56 19.79
N GLN B 81 13.93 18.38 19.40
CA GLN B 81 13.65 19.75 19.00
C GLN B 81 12.80 19.80 17.71
N GLU B 82 13.14 18.97 16.71
CA GLU B 82 12.32 18.83 15.50
C GLU B 82 10.84 18.51 15.88
N ALA B 83 10.62 17.40 16.61
CA ALA B 83 9.28 17.01 17.04
C ALA B 83 8.55 18.14 17.82
N LYS B 84 9.27 18.79 18.72
CA LYS B 84 8.70 19.89 19.52
C LYS B 84 8.09 21.01 18.65
N ASP B 85 8.84 21.42 17.62
CA ASP B 85 8.43 22.53 16.74
C ASP B 85 7.29 22.10 15.80
N VAL B 86 7.38 20.86 15.32
CA VAL B 86 6.31 20.36 14.47
C VAL B 86 4.97 20.29 15.27
N TYR B 87 4.95 19.58 16.42
CA TYR B 87 3.76 19.44 17.25
C TYR B 87 3.20 20.77 17.76
N LYS B 88 4.06 21.73 18.04
CA LYS B 88 3.56 23.04 18.47
C LYS B 88 2.59 23.61 17.43
N GLU B 89 2.95 23.46 16.16
CA GLU B 89 2.17 23.99 15.07
C GLU B 89 1.03 23.04 14.69
N HIS B 90 1.26 21.73 14.78
CA HIS B 90 0.25 20.72 14.37
C HIS B 90 -0.93 20.69 15.34
N PHE B 91 -0.64 20.85 16.64
CA PHE B 91 -1.69 20.94 17.66
C PHE B 91 -2.08 22.36 17.99
N GLN B 92 -1.32 23.33 17.51
CA GLN B 92 -1.53 24.73 17.89
C GLN B 92 -1.53 24.82 19.42
N ASP B 93 -0.48 24.28 20.03
CA ASP B 93 -0.44 24.01 21.46
C ASP B 93 0.78 23.19 21.86
N ASP B 94 1.08 23.23 23.16
CA ASP B 94 2.15 22.43 23.78
C ASP B 94 1.61 21.22 24.48
N VAL B 95 1.65 20.11 23.78
CA VAL B 95 1.17 18.87 24.33
C VAL B 95 2.37 17.94 24.38
N PHE B 96 3.30 18.08 23.44
CA PHE B 96 4.40 17.12 23.30
C PHE B 96 5.23 16.85 24.58
N ASN B 97 5.39 15.57 24.91
CA ASN B 97 6.14 15.15 26.10
C ASN B 97 7.67 15.29 25.92
N GLU B 98 8.17 16.54 25.92
CA GLU B 98 9.59 16.83 25.72
C GLU B 98 10.41 16.18 26.86
N LYS B 99 9.90 16.29 28.07
CA LYS B 99 10.57 15.73 29.25
C LYS B 99 10.71 14.23 29.19
N GLY B 100 9.64 13.52 28.83
CA GLY B 100 9.70 12.06 28.77
C GLY B 100 10.73 11.60 27.75
N TRP B 101 10.76 12.26 26.60
CA TRP B 101 11.73 11.90 25.55
C TRP B 101 13.15 12.26 25.95
N ASN B 102 13.31 13.42 26.60
CA ASN B 102 14.59 13.76 27.20
C ASN B 102 15.13 12.76 28.23
N TYR B 103 14.22 12.23 29.06
CA TYR B 103 14.57 11.18 29.98
C TYR B 103 15.24 10.00 29.24
N ILE B 104 14.61 9.54 28.15
CA ILE B 104 15.19 8.41 27.35
C ILE B 104 16.58 8.74 26.76
N LEU B 105 16.70 9.92 26.16
CA LEU B 105 18.01 10.38 25.71
C LEU B 105 19.03 10.36 26.86
N GLU B 106 18.69 10.98 27.97
CA GLU B 106 19.64 11.11 29.09
C GLU B 106 19.93 9.80 29.86
N LYS B 107 18.90 9.04 30.15
CA LYS B 107 19.08 7.83 30.93
C LYS B 107 19.67 6.67 30.10
N TYR B 108 19.28 6.53 28.84
CA TYR B 108 19.60 5.33 28.09
C TYR B 108 20.31 5.62 26.78
N ASP B 109 20.81 6.84 26.66
CA ASP B 109 21.49 7.24 25.43
C ASP B 109 20.57 7.02 24.18
N GLY B 110 19.30 7.37 24.32
CA GLY B 110 18.37 7.35 23.21
C GLY B 110 17.91 5.97 22.78
N HIS B 111 18.21 4.93 23.59
CA HIS B 111 17.75 3.55 23.36
C HIS B 111 16.41 3.33 24.02
N LEU B 112 15.48 2.70 23.30
CA LEU B 112 14.13 2.48 23.85
C LEU B 112 14.04 1.43 24.96
N PRO B 113 13.61 1.87 26.16
CA PRO B 113 13.38 0.99 27.29
C PRO B 113 12.10 0.18 27.09
N ILE B 114 12.17 -0.80 26.18
CA ILE B 114 11.02 -1.55 25.71
C ILE B 114 11.41 -3.05 25.58
N GLU B 115 10.52 -3.95 25.98
CA GLU B 115 10.72 -5.38 25.69
C GLU B 115 9.65 -5.89 24.77
N ILE B 116 10.10 -6.52 23.67
CA ILE B 116 9.16 -7.13 22.77
C ILE B 116 9.38 -8.64 22.67
N LYS B 117 8.30 -9.41 22.88
CA LYS B 117 8.32 -10.87 22.70
C LYS B 117 7.46 -11.28 21.53
N ALA B 118 7.95 -12.22 20.72
CA ALA B 118 7.29 -12.57 19.48
C ALA B 118 7.41 -14.05 19.18
N VAL B 119 6.40 -14.59 18.48
CA VAL B 119 6.50 -15.92 17.89
C VAL B 119 7.66 -15.89 16.82
N PRO B 120 8.39 -17.02 16.64
CA PRO B 120 9.43 -16.98 15.59
C PRO B 120 8.85 -16.63 14.18
N GLU B 121 9.55 -15.83 13.42
CA GLU B 121 9.20 -15.51 12.04
C GLU B 121 9.11 -16.75 11.16
N GLY B 122 8.09 -16.77 10.30
CA GLY B 122 7.78 -17.93 9.45
C GLY B 122 6.76 -18.87 10.08
N PHE B 123 6.59 -18.82 11.41
CA PHE B 123 5.57 -19.64 12.08
C PHE B 123 4.18 -19.42 11.49
N VAL B 124 3.44 -20.51 11.29
CA VAL B 124 2.06 -20.46 10.79
C VAL B 124 1.11 -20.70 12.00
N ILE B 125 0.39 -19.66 12.41
CA ILE B 125 -0.36 -19.61 13.68
C ILE B 125 -1.83 -19.38 13.36
N PRO B 126 -2.75 -20.15 13.99
CA PRO B 126 -4.18 -19.87 13.79
C PRO B 126 -4.62 -18.46 14.25
N ARG B 127 -5.71 -17.97 13.66
CA ARG B 127 -6.29 -16.64 14.02
C ARG B 127 -6.62 -16.56 15.53
N GLY B 128 -6.52 -15.34 16.11
CA GLY B 128 -6.93 -15.06 17.51
C GLY B 128 -5.91 -15.46 18.57
N ASN B 129 -4.66 -15.64 18.15
CA ASN B 129 -3.58 -15.94 19.07
C ASN B 129 -2.62 -14.75 19.19
N VAL B 130 -2.07 -14.58 20.38
CA VAL B 130 -1.00 -13.61 20.59
C VAL B 130 0.15 -13.90 19.62
N LEU B 131 0.58 -12.86 18.88
CA LEU B 131 1.74 -12.92 17.99
C LEU B 131 3.00 -12.21 18.52
N PHE B 132 2.79 -11.09 19.23
CA PHE B 132 3.87 -10.36 19.91
C PHE B 132 3.29 -9.50 21.01
N THR B 133 4.11 -9.21 22.01
CA THR B 133 3.73 -8.39 23.14
C THR B 133 4.78 -7.32 23.24
N VAL B 134 4.39 -6.21 23.83
CA VAL B 134 5.25 -5.05 24.00
C VAL B 134 5.01 -4.52 25.40
N GLU B 135 6.07 -4.15 26.11
CA GLU B 135 5.91 -3.54 27.43
C GLU B 135 7.09 -2.61 27.69
N ASN B 136 6.89 -1.61 28.55
CA ASN B 136 8.01 -0.75 28.92
C ASN B 136 8.84 -1.38 30.06
N THR B 137 10.15 -1.13 30.10
CA THR B 137 11.03 -1.74 31.12
C THR B 137 11.51 -0.67 32.12
N ASP B 138 11.03 0.54 31.95
CA ASP B 138 11.24 1.62 32.92
C ASP B 138 9.86 2.21 33.27
N PRO B 139 9.52 2.33 34.57
CA PRO B 139 8.22 2.84 35.02
C PRO B 139 7.92 4.22 34.44
N GLU B 140 8.95 5.02 34.26
CA GLU B 140 8.86 6.34 33.65
C GLU B 140 8.34 6.32 32.19
N CYS B 141 8.52 5.21 31.50
CA CYS B 141 8.19 5.15 30.07
C CYS B 141 6.93 4.32 29.82
N TYR B 142 6.00 4.35 30.77
CA TYR B 142 4.69 3.68 30.64
C TYR B 142 3.97 4.07 29.31
N TRP B 143 4.22 5.31 28.88
CA TRP B 143 3.62 5.98 27.73
C TRP B 143 4.27 5.50 26.42
N LEU B 144 5.42 4.85 26.51
CA LEU B 144 6.18 4.49 25.30
C LEU B 144 5.59 3.23 24.62
N THR B 145 5.04 2.32 25.41
CA THR B 145 4.47 1.06 24.86
C THR B 145 3.54 1.31 23.67
N ASN B 146 2.51 2.12 23.92
CA ASN B 146 1.58 2.46 22.83
C ASN B 146 1.94 3.60 21.85
N TRP B 147 2.91 4.43 22.20
CA TRP B 147 3.62 5.29 21.23
C TRP B 147 3.99 4.50 19.96
N ILE B 148 4.51 3.29 20.13
CA ILE B 148 5.11 2.57 19.00
C ILE B 148 4.12 1.55 18.45
N GLU B 149 2.88 1.61 18.91
CA GLU B 149 1.80 0.84 18.26
C GLU B 149 1.74 1.08 16.75
N THR B 150 1.73 2.33 16.32
CA THR B 150 1.51 2.67 14.89
C THR B 150 2.54 1.94 13.96
N ILE B 151 3.81 2.07 14.33
CA ILE B 151 4.88 1.49 13.55
C ILE B 151 4.82 -0.06 13.61
N LEU B 152 4.49 -0.65 14.75
CA LEU B 152 4.53 -2.11 14.85
C LEU B 152 3.33 -2.69 14.17
N VAL B 153 2.23 -1.94 14.16
CA VAL B 153 0.96 -2.45 13.56
C VAL B 153 1.12 -2.62 12.05
N GLN B 154 2.04 -1.86 11.48
CA GLN B 154 2.32 -2.01 10.04
C GLN B 154 2.87 -3.37 9.67
N SER B 155 3.30 -4.14 10.66
CA SER B 155 3.65 -5.53 10.43
C SER B 155 2.49 -6.28 9.78
N TRP B 156 1.26 -5.73 9.90
CA TRP B 156 0.10 -6.41 9.21
C TRP B 156 0.46 -6.68 7.76
N TYR B 157 1.20 -5.76 7.14
CA TYR B 157 1.36 -5.82 5.71
C TYR B 157 2.22 -7.02 5.29
N PRO B 158 3.47 -7.14 5.76
CA PRO B 158 4.17 -8.43 5.45
C PRO B 158 3.50 -9.70 5.95
N ILE B 159 2.86 -9.69 7.12
CA ILE B 159 2.08 -10.87 7.52
C ILE B 159 1.02 -11.25 6.44
N THR B 160 0.31 -10.25 5.96
CA THR B 160 -0.85 -10.47 5.12
C THR B 160 -0.37 -10.88 3.70
N VAL B 161 0.73 -10.25 3.23
CA VAL B 161 1.26 -10.66 1.89
C VAL B 161 1.71 -12.15 1.94
N ALA B 162 2.46 -12.46 3.00
CA ALA B 162 3.02 -13.82 3.21
C ALA B 162 1.91 -14.83 3.35
N THR B 163 0.88 -14.47 4.10
CA THR B 163 -0.25 -15.36 4.31
C THR B 163 -1.05 -15.61 3.01
N ASN B 164 -1.42 -14.54 2.31
CA ASN B 164 -2.22 -14.67 1.09
C ASN B 164 -1.40 -15.34 -0.04
N SER B 165 -0.11 -15.03 -0.12
CA SER B 165 0.81 -15.73 -1.04
C SER B 165 0.86 -17.24 -0.70
N ARG B 166 0.92 -17.59 0.60
CA ARG B 166 0.95 -19.02 1.02
C ARG B 166 -0.40 -19.71 0.71
N GLU B 167 -1.50 -18.95 0.90
CA GLU B 167 -2.81 -19.48 0.53
C GLU B 167 -2.85 -19.80 -0.96
N GLN B 168 -2.22 -18.97 -1.80
CA GLN B 168 -2.20 -19.31 -3.24
C GLN B 168 -1.34 -20.54 -3.56
N LYS B 169 -0.27 -20.73 -2.79
CA LYS B 169 0.58 -21.91 -2.96
C LYS B 169 -0.15 -23.19 -2.64
N LYS B 170 -1.04 -23.15 -1.64
CA LYS B 170 -1.85 -24.29 -1.23
C LYS B 170 -2.76 -24.71 -2.37
N ILE B 171 -3.48 -23.75 -2.95
CA ILE B 171 -4.26 -24.00 -4.19
C ILE B 171 -3.40 -24.55 -5.32
N LEU B 172 -2.26 -23.92 -5.62
CA LEU B 172 -1.44 -24.42 -6.74
C LEU B 172 -0.97 -25.85 -6.44
N ALA B 173 -0.53 -26.07 -5.19
CA ALA B 173 -0.03 -27.39 -4.78
C ALA B 173 -1.08 -28.46 -5.03
N LYS B 174 -2.30 -28.23 -4.55
CA LYS B 174 -3.39 -29.19 -4.66
C LYS B 174 -3.66 -29.61 -6.12
N TYR B 175 -3.72 -28.65 -7.03
CA TYR B 175 -4.07 -28.96 -8.42
C TYR B 175 -2.90 -29.54 -9.25
N LEU B 176 -1.71 -29.07 -8.94
CA LEU B 176 -0.50 -29.61 -9.51
C LEU B 176 -0.29 -31.07 -9.09
N LEU B 177 -0.50 -31.34 -7.80
CA LEU B 177 -0.42 -32.72 -7.33
C LEU B 177 -1.50 -33.58 -8.02
N GLU B 178 -2.73 -33.09 -8.05
CA GLU B 178 -3.86 -33.80 -8.65
C GLU B 178 -3.60 -34.06 -10.13
N THR B 179 -3.15 -33.05 -10.88
CA THR B 179 -3.01 -33.23 -12.36
C THR B 179 -1.70 -33.85 -12.86
N SER B 180 -0.71 -33.98 -11.98
CA SER B 180 0.66 -34.30 -12.39
C SER B 180 1.35 -35.32 -11.50
N GLY B 181 0.82 -35.53 -10.29
CA GLY B 181 1.39 -36.51 -9.34
C GLY B 181 2.54 -36.02 -8.45
N ASN B 182 2.96 -34.78 -8.62
CA ASN B 182 4.08 -34.21 -7.87
C ASN B 182 3.99 -32.66 -7.79
N LEU B 183 4.98 -32.04 -7.16
CA LEU B 183 4.99 -30.62 -6.88
C LEU B 183 6.21 -29.97 -7.52
N ASP B 184 6.79 -30.62 -8.53
CA ASP B 184 7.99 -30.08 -9.19
C ASP B 184 7.72 -28.65 -9.71
N GLY B 185 8.54 -27.69 -9.31
CA GLY B 185 8.40 -26.37 -9.93
C GLY B 185 7.28 -25.50 -9.39
N LEU B 186 6.58 -26.04 -8.39
CA LEU B 186 5.60 -25.29 -7.61
C LEU B 186 6.15 -23.90 -7.17
N GLU B 187 7.41 -23.84 -6.77
CA GLU B 187 7.96 -22.58 -6.27
C GLU B 187 8.12 -21.47 -7.30
N TYR B 188 7.92 -21.82 -8.57
CA TYR B 188 7.95 -20.84 -9.65
C TYR B 188 6.57 -20.61 -10.29
N LYS B 189 5.51 -21.08 -9.66
CA LYS B 189 4.18 -21.04 -10.32
C LYS B 189 3.41 -19.73 -10.13
N LEU B 190 3.89 -18.90 -9.21
CA LEU B 190 3.24 -17.59 -8.95
C LEU B 190 4.30 -16.54 -8.85
N HIS B 191 4.36 -15.69 -9.89
CA HIS B 191 5.44 -14.74 -10.08
C HIS B 191 4.94 -13.34 -9.66
N ASP B 192 5.77 -12.65 -8.92
CA ASP B 192 5.46 -11.28 -8.47
C ASP B 192 5.67 -10.23 -9.58
N PHE B 193 4.57 -9.61 -10.02
CA PHE B 193 4.52 -8.58 -11.08
C PHE B 193 4.18 -7.20 -10.46
N GLY B 194 4.20 -7.09 -9.13
CA GLY B 194 3.51 -5.97 -8.49
C GLY B 194 4.28 -4.70 -8.19
N TYR B 195 5.50 -4.59 -8.70
CA TYR B 195 6.34 -3.44 -8.42
C TYR B 195 5.65 -2.07 -8.79
N ARG B 196 5.05 -1.96 -9.98
CA ARG B 196 4.43 -0.69 -10.37
C ARG B 196 3.13 -0.48 -9.64
N GLY B 197 2.53 -1.56 -9.15
CA GLY B 197 1.17 -1.48 -8.61
C GLY B 197 1.06 -1.38 -7.09
N VAL B 198 2.19 -1.17 -6.42
CA VAL B 198 2.15 -0.87 -4.98
C VAL B 198 2.27 0.67 -4.76
N SER B 199 2.16 1.09 -3.52
CA SER B 199 1.94 2.49 -3.19
C SER B 199 3.28 3.24 -2.95
N SER B 200 4.38 2.49 -2.85
CA SER B 200 5.71 3.11 -2.68
C SER B 200 6.84 2.11 -2.91
N GLN B 201 8.07 2.64 -3.06
CA GLN B 201 9.30 1.85 -3.09
C GLN B 201 9.44 0.99 -1.85
N GLU B 202 9.26 1.59 -0.64
CA GLU B 202 9.41 0.81 0.58
C GLU B 202 8.43 -0.38 0.60
N THR B 203 7.16 -0.08 0.35
CA THR B 203 6.14 -1.13 0.21
C THR B 203 6.58 -2.25 -0.76
N ALA B 204 7.09 -1.88 -1.93
CA ALA B 204 7.55 -2.85 -2.91
C ALA B 204 8.54 -3.85 -2.29
N GLY B 205 9.60 -3.35 -1.66
CA GLY B 205 10.62 -4.24 -1.01
C GLY B 205 9.98 -5.16 0.04
N ILE B 206 9.20 -4.55 0.93
CA ILE B 206 8.52 -5.31 2.01
C ILE B 206 7.57 -6.43 1.49
N GLY B 207 6.69 -6.09 0.55
CA GLY B 207 5.70 -7.08 0.05
C GLY B 207 6.38 -8.13 -0.79
N ALA B 208 7.30 -7.70 -1.67
CA ALA B 208 8.03 -8.67 -2.47
C ALA B 208 8.79 -9.64 -1.56
N SER B 209 9.37 -9.14 -0.47
CA SER B 209 10.09 -10.06 0.47
C SER B 209 9.10 -11.08 1.07
N ALA B 210 7.88 -10.63 1.39
CA ALA B 210 6.89 -11.49 1.99
C ALA B 210 6.48 -12.60 1.02
N HIS B 211 6.35 -12.23 -0.26
CA HIS B 211 5.97 -13.23 -1.29
C HIS B 211 7.10 -14.29 -1.39
N LEU B 212 8.34 -13.83 -1.24
CA LEU B 212 9.49 -14.74 -1.39
C LEU B 212 9.61 -15.74 -0.27
N VAL B 213 8.78 -15.60 0.76
CA VAL B 213 8.68 -16.61 1.81
C VAL B 213 8.16 -17.92 1.24
N ASN B 214 7.33 -17.84 0.19
CA ASN B 214 6.62 -19.01 -0.32
C ASN B 214 7.10 -19.42 -1.72
N PHE B 215 7.55 -18.45 -2.49
CA PHE B 215 7.91 -18.65 -3.90
C PHE B 215 9.30 -18.11 -4.19
N LYS B 216 9.78 -18.37 -5.41
CA LYS B 216 11.12 -17.98 -5.85
C LYS B 216 11.14 -17.02 -7.05
N GLY B 217 9.99 -16.80 -7.66
CA GLY B 217 9.90 -15.99 -8.88
C GLY B 217 9.37 -14.60 -8.60
N THR B 218 10.16 -13.60 -8.99
CA THR B 218 9.87 -12.19 -8.72
C THR B 218 10.44 -11.25 -9.79
N ASP B 219 9.65 -10.26 -10.21
CA ASP B 219 10.16 -9.10 -10.97
C ASP B 219 10.31 -7.82 -10.09
N THR B 220 9.91 -7.92 -8.82
CA THR B 220 10.09 -6.75 -7.93
C THR B 220 11.45 -6.82 -7.26
N VAL B 221 12.44 -6.24 -7.95
CA VAL B 221 13.88 -6.29 -7.57
C VAL B 221 14.14 -5.82 -6.12
N ALA B 222 13.37 -4.80 -5.69
CA ALA B 222 13.46 -4.23 -4.33
C ALA B 222 13.40 -5.26 -3.22
N GLY B 223 12.71 -6.39 -3.45
CA GLY B 223 12.64 -7.45 -2.45
C GLY B 223 13.97 -8.12 -2.10
N LEU B 224 14.90 -8.16 -3.05
CA LEU B 224 16.19 -8.86 -2.90
C LEU B 224 17.06 -8.19 -1.84
N ALA B 225 17.21 -6.87 -1.96
CA ALA B 225 18.14 -6.11 -1.10
C ALA B 225 17.60 -6.07 0.30
N LEU B 226 16.27 -6.01 0.43
CA LEU B 226 15.69 -5.99 1.75
C LEU B 226 16.02 -7.32 2.50
N ILE B 227 15.77 -8.45 1.84
CA ILE B 227 16.09 -9.75 2.44
C ILE B 227 17.57 -9.89 2.82
N LYS B 228 18.46 -9.47 1.92
CA LYS B 228 19.91 -9.59 2.05
C LYS B 228 20.31 -8.77 3.30
N LYS B 229 19.81 -7.54 3.42
CA LYS B 229 20.17 -6.69 4.54
C LYS B 229 19.53 -7.10 5.91
N TYR B 230 18.27 -7.54 5.91
CA TYR B 230 17.53 -7.70 7.18
C TYR B 230 17.39 -9.13 7.68
N TYR B 231 17.52 -10.11 6.76
CA TYR B 231 17.26 -11.53 7.03
C TYR B 231 18.40 -12.50 6.68
N GLY B 232 18.86 -12.46 5.43
CA GLY B 232 19.97 -13.27 5.00
C GLY B 232 19.55 -14.61 4.45
N THR B 233 20.14 -15.00 3.34
CA THR B 233 20.01 -16.34 2.74
C THR B 233 21.41 -16.96 2.49
N LYS B 234 21.47 -18.28 2.53
CA LYS B 234 22.59 -19.08 2.02
C LYS B 234 22.93 -18.76 0.57
N ASP B 235 21.92 -18.79 -0.29
CA ASP B 235 22.08 -18.43 -1.70
C ASP B 235 22.39 -16.98 -1.93
N PRO B 236 23.07 -16.67 -3.05
CA PRO B 236 23.35 -15.27 -3.37
C PRO B 236 22.10 -14.39 -3.39
N VAL B 237 21.01 -14.88 -4.00
CA VAL B 237 19.71 -14.16 -4.02
C VAL B 237 18.54 -15.05 -3.59
N PRO B 238 17.49 -14.44 -3.00
CA PRO B 238 16.28 -15.19 -2.67
C PRO B 238 15.33 -15.36 -3.86
N GLY B 239 15.49 -14.56 -4.90
CA GLY B 239 14.55 -14.66 -6.03
C GLY B 239 15.15 -14.48 -7.39
N TYR B 240 14.42 -15.02 -8.36
CA TYR B 240 14.89 -15.17 -9.74
C TYR B 240 13.89 -14.67 -10.75
N SER B 241 14.42 -14.23 -11.90
CA SER B 241 13.60 -13.89 -13.04
C SER B 241 14.17 -14.46 -14.33
N VAL B 242 13.39 -14.26 -15.39
CA VAL B 242 13.74 -14.59 -16.80
C VAL B 242 13.41 -13.40 -17.74
N PRO B 243 14.09 -13.35 -18.91
CA PRO B 243 13.70 -12.32 -19.88
C PRO B 243 12.23 -12.47 -20.30
N ALA B 244 11.58 -11.33 -20.60
CA ALA B 244 10.18 -11.34 -20.95
C ALA B 244 9.95 -10.03 -21.68
N ALA B 245 9.06 -10.04 -22.65
CA ALA B 245 8.67 -8.86 -23.41
C ALA B 245 7.56 -8.08 -22.66
N GLU B 246 7.39 -6.82 -23.02
CA GLU B 246 6.25 -6.04 -22.61
C GLU B 246 5.64 -5.54 -23.89
N HIS B 247 4.49 -4.87 -23.81
CA HIS B 247 3.87 -4.37 -25.03
C HIS B 247 4.73 -3.36 -25.80
N SER B 248 5.46 -2.49 -25.12
CA SER B 248 6.34 -1.54 -25.84
C SER B 248 7.36 -2.24 -26.74
N THR B 249 7.86 -3.38 -26.31
CA THR B 249 8.90 -4.04 -27.10
C THR B 249 8.32 -4.86 -28.26
N ILE B 250 7.04 -5.23 -28.20
CA ILE B 250 6.35 -5.81 -29.37
C ILE B 250 5.81 -4.69 -30.32
N THR B 251 5.02 -3.78 -29.77
CA THR B 251 4.32 -2.80 -30.57
C THR B 251 5.25 -1.82 -31.25
N ALA B 252 6.45 -1.58 -30.67
CA ALA B 252 7.42 -0.65 -31.30
C ALA B 252 7.83 -1.03 -32.74
N TRP B 253 7.72 -2.31 -33.07
CA TRP B 253 7.99 -2.84 -34.45
C TRP B 253 6.94 -2.45 -35.49
N GLY B 254 5.77 -1.99 -35.03
CA GLY B 254 4.63 -1.64 -35.91
C GLY B 254 3.68 -2.80 -36.02
N LYS B 255 2.39 -2.54 -36.15
CA LYS B 255 1.38 -3.61 -36.07
C LYS B 255 1.58 -4.71 -37.12
N ASP B 256 2.08 -4.33 -38.29
CA ASP B 256 2.35 -5.30 -39.35
C ASP B 256 3.60 -6.13 -39.10
N HIS B 257 4.38 -5.79 -38.09
CA HIS B 257 5.61 -6.52 -37.83
C HIS B 257 5.69 -7.26 -36.49
N GLU B 258 4.54 -7.68 -35.97
CA GLU B 258 4.48 -8.49 -34.75
C GLU B 258 5.27 -9.82 -34.84
N LYS B 259 5.28 -10.42 -36.02
CA LYS B 259 6.13 -11.59 -36.28
C LYS B 259 7.62 -11.27 -36.16
N ASP B 260 8.07 -10.19 -36.77
CA ASP B 260 9.50 -9.80 -36.69
C ASP B 260 9.92 -9.56 -35.25
N ALA B 261 9.07 -8.89 -34.47
CA ALA B 261 9.34 -8.68 -33.07
C ALA B 261 9.55 -10.03 -32.39
N PHE B 262 8.58 -10.94 -32.56
CA PHE B 262 8.61 -12.27 -31.92
C PHE B 262 9.90 -13.05 -32.29
N GLU B 263 10.21 -13.09 -33.60
CA GLU B 263 11.40 -13.78 -34.10
C GLU B 263 12.70 -13.22 -33.48
N HIS B 264 12.84 -11.89 -33.50
CA HIS B 264 13.98 -11.19 -32.88
C HIS B 264 14.14 -11.52 -31.42
N ILE B 265 13.03 -11.43 -30.68
CA ILE B 265 13.12 -11.66 -29.23
C ILE B 265 13.49 -13.11 -28.90
N VAL B 266 12.80 -14.09 -29.50
CA VAL B 266 13.15 -15.47 -29.12
C VAL B 266 14.58 -15.82 -29.58
N THR B 267 15.06 -15.17 -30.65
CA THR B 267 16.39 -15.45 -31.20
C THR B 267 17.46 -14.74 -30.31
N GLN B 268 17.16 -13.54 -29.80
CA GLN B 268 18.02 -12.92 -28.74
C GLN B 268 18.15 -13.79 -27.45
N PHE B 269 17.08 -14.44 -27.01
CA PHE B 269 17.12 -15.22 -25.78
C PHE B 269 16.91 -16.69 -26.13
N SER B 270 17.79 -17.23 -26.99
CA SER B 270 17.57 -18.56 -27.56
C SER B 270 17.90 -19.69 -26.59
N SER B 271 18.60 -19.38 -25.50
CA SER B 271 19.13 -20.44 -24.66
C SER B 271 18.76 -20.25 -23.22
N VAL B 272 17.87 -19.29 -22.95
CA VAL B 272 17.22 -19.16 -21.61
C VAL B 272 15.69 -19.16 -21.87
N PRO B 273 14.88 -19.40 -20.79
CA PRO B 273 13.44 -19.20 -20.89
C PRO B 273 13.12 -17.82 -21.36
N VAL B 274 12.10 -17.68 -22.22
CA VAL B 274 11.69 -16.34 -22.61
C VAL B 274 10.19 -16.29 -22.61
N SER B 275 9.68 -15.29 -21.89
CA SER B 275 8.27 -14.96 -21.86
C SER B 275 7.95 -13.91 -22.93
N VAL B 276 6.97 -14.18 -23.80
CA VAL B 276 6.61 -13.23 -24.87
C VAL B 276 5.13 -12.91 -24.86
N VAL B 277 4.84 -11.68 -24.47
CA VAL B 277 3.43 -11.19 -24.39
C VAL B 277 2.84 -11.19 -25.80
N SER B 278 1.73 -11.91 -25.97
CA SER B 278 1.30 -12.25 -27.32
C SER B 278 -0.09 -11.66 -27.71
N ASP B 279 -0.64 -10.75 -26.90
CA ASP B 279 -1.99 -10.27 -27.12
C ASP B 279 -2.06 -8.82 -27.62
N SER B 280 -0.96 -8.28 -28.14
CA SER B 280 -0.95 -6.85 -28.60
C SER B 280 -2.13 -6.52 -29.52
N TYR B 281 -2.52 -7.44 -30.41
CA TYR B 281 -3.59 -7.18 -31.39
C TYR B 281 -4.57 -8.31 -31.38
N ASP B 282 -4.02 -9.52 -31.37
CA ASP B 282 -4.86 -10.70 -31.44
C ASP B 282 -4.13 -11.91 -30.93
N ILE B 283 -4.39 -12.24 -29.66
CA ILE B 283 -3.77 -13.37 -28.98
C ILE B 283 -3.97 -14.70 -29.72
N TYR B 284 -5.17 -14.91 -30.25
CA TYR B 284 -5.56 -16.20 -30.85
C TYR B 284 -4.86 -16.40 -32.19
N ASN B 285 -4.81 -15.33 -33.00
CA ASN B 285 -3.98 -15.31 -34.20
C ASN B 285 -2.51 -15.48 -33.88
N ALA B 286 -2.03 -14.84 -32.83
CA ALA B 286 -0.58 -14.94 -32.49
C ALA B 286 -0.21 -16.40 -32.13
N CYS B 287 -1.04 -17.08 -31.34
CA CYS B 287 -0.81 -18.47 -30.99
C CYS B 287 -0.97 -19.44 -32.16
N GLU B 288 -2.05 -19.27 -32.94
CA GLU B 288 -2.37 -20.22 -33.99
C GLU B 288 -1.53 -20.02 -35.24
N LYS B 289 -1.43 -18.78 -35.67
CA LYS B 289 -0.71 -18.46 -36.89
C LYS B 289 0.78 -18.12 -36.71
N ILE B 290 1.10 -17.19 -35.80
CA ILE B 290 2.46 -16.71 -35.71
C ILE B 290 3.34 -17.70 -35.00
N TRP B 291 3.01 -18.08 -33.76
CA TRP B 291 3.77 -19.12 -33.07
C TRP B 291 3.50 -20.52 -33.63
N GLY B 292 2.26 -20.77 -34.00
CA GLY B 292 1.84 -22.15 -34.35
C GLY B 292 2.18 -22.56 -35.79
N GLU B 293 2.54 -21.57 -36.62
CA GLU B 293 2.85 -21.84 -38.03
C GLU B 293 4.11 -21.11 -38.47
N ASP B 294 4.04 -19.79 -38.61
CA ASP B 294 5.18 -19.00 -39.10
C ASP B 294 6.49 -19.17 -38.33
N LEU B 295 6.43 -19.25 -36.99
CA LEU B 295 7.64 -19.27 -36.19
C LEU B 295 7.83 -20.58 -35.47
N ARG B 296 6.99 -21.56 -35.82
CA ARG B 296 6.96 -22.87 -35.18
C ARG B 296 8.31 -23.54 -35.16
N HIS B 297 9.10 -23.35 -36.23
CA HIS B 297 10.44 -23.97 -36.37
C HIS B 297 11.44 -23.43 -35.32
N LEU B 298 11.17 -22.24 -34.81
CA LEU B 298 12.07 -21.63 -33.86
C LEU B 298 11.67 -22.00 -32.41
N ILE B 299 10.48 -22.57 -32.25
CA ILE B 299 10.00 -23.02 -30.98
C ILE B 299 10.33 -24.51 -30.73
N VAL B 300 10.05 -25.39 -31.70
CA VAL B 300 10.26 -26.83 -31.47
C VAL B 300 11.74 -27.24 -31.31
N SER B 301 12.64 -26.31 -31.60
CA SER B 301 14.07 -26.54 -31.54
C SER B 301 14.61 -26.15 -30.16
N ARG B 302 13.76 -25.51 -29.34
CA ARG B 302 14.19 -25.06 -28.00
C ARG B 302 14.33 -26.18 -26.96
N SER B 303 15.19 -25.89 -26.01
CA SER B 303 15.57 -26.78 -24.95
C SER B 303 14.50 -26.76 -23.88
N THR B 304 14.40 -27.87 -23.15
CA THR B 304 13.56 -27.99 -21.97
C THR B 304 13.89 -26.96 -20.89
N GLN B 305 15.15 -26.56 -20.82
CA GLN B 305 15.57 -25.56 -19.87
C GLN B 305 15.36 -24.13 -20.42
N ALA B 306 14.92 -24.02 -21.66
CA ALA B 306 14.76 -22.74 -22.30
C ALA B 306 13.45 -22.62 -23.07
N PRO B 307 12.31 -22.94 -22.41
CA PRO B 307 11.05 -22.89 -23.14
C PRO B 307 10.66 -21.47 -23.61
N LEU B 308 9.89 -21.40 -24.68
CA LEU B 308 9.06 -20.24 -24.92
C LEU B 308 7.85 -20.28 -23.95
N ILE B 309 7.63 -19.15 -23.30
CA ILE B 309 6.51 -19.00 -22.39
C ILE B 309 5.66 -17.90 -23.06
N ILE B 310 4.59 -18.32 -23.71
CA ILE B 310 3.55 -17.45 -24.27
C ILE B 310 2.75 -16.76 -23.16
N ARG B 311 2.68 -15.42 -23.20
CA ARG B 311 1.95 -14.68 -22.18
C ARG B 311 0.72 -14.00 -22.79
N PRO B 312 -0.46 -14.62 -22.58
CA PRO B 312 -1.64 -13.80 -22.86
C PRO B 312 -1.77 -12.72 -21.77
N ASP B 313 -2.54 -11.67 -22.05
CA ASP B 313 -2.61 -10.54 -21.08
C ASP B 313 -3.91 -9.70 -21.13
N SER B 314 -5.01 -10.29 -21.58
CA SER B 314 -6.31 -9.57 -21.68
C SER B 314 -7.42 -10.57 -21.94
N GLY B 315 -8.66 -10.11 -21.80
CA GLY B 315 -9.81 -10.96 -21.99
C GLY B 315 -10.17 -11.59 -20.67
N ASN B 316 -11.20 -12.42 -20.66
CA ASN B 316 -11.56 -13.17 -19.48
C ASN B 316 -10.44 -14.19 -19.21
N PRO B 317 -9.82 -14.10 -18.01
CA PRO B 317 -8.64 -14.92 -17.65
C PRO B 317 -8.84 -16.41 -17.90
N LEU B 318 -9.87 -17.01 -17.33
CA LEU B 318 -10.15 -18.43 -17.61
C LEU B 318 -10.45 -18.74 -19.09
N ASP B 319 -11.31 -17.95 -19.74
CA ASP B 319 -11.75 -18.31 -21.12
C ASP B 319 -10.54 -18.22 -22.01
N THR B 320 -9.71 -17.23 -21.73
CA THR B 320 -8.53 -17.00 -22.55
C THR B 320 -7.52 -18.13 -22.38
N VAL B 321 -7.26 -18.52 -21.14
CA VAL B 321 -6.30 -19.59 -20.89
C VAL B 321 -6.72 -20.88 -21.60
N LEU B 322 -7.98 -21.29 -21.41
CA LEU B 322 -8.47 -22.50 -22.05
C LEU B 322 -8.32 -22.43 -23.58
N LYS B 323 -8.62 -21.28 -24.15
CA LYS B 323 -8.64 -21.16 -25.62
C LYS B 323 -7.22 -21.20 -26.12
N VAL B 324 -6.35 -20.46 -25.44
CA VAL B 324 -4.93 -20.52 -25.75
C VAL B 324 -4.42 -21.98 -25.72
N LEU B 325 -4.73 -22.73 -24.66
CA LEU B 325 -4.24 -24.10 -24.55
C LEU B 325 -4.84 -24.96 -25.68
N GLU B 326 -6.11 -24.74 -25.98
CA GLU B 326 -6.77 -25.47 -27.06
C GLU B 326 -6.06 -25.20 -28.39
N ILE B 327 -5.68 -23.95 -28.62
CA ILE B 327 -5.00 -23.59 -29.86
C ILE B 327 -3.63 -24.30 -29.97
N LEU B 328 -2.86 -24.25 -28.88
CA LEU B 328 -1.48 -24.74 -28.88
C LEU B 328 -1.52 -26.29 -29.00
N GLY B 329 -2.55 -26.89 -28.41
CA GLY B 329 -2.74 -28.35 -28.40
C GLY B 329 -2.96 -28.88 -29.79
N LYS B 330 -3.42 -28.02 -30.71
CA LYS B 330 -3.63 -28.41 -32.11
C LYS B 330 -2.44 -28.10 -33.03
N LYS B 331 -1.53 -27.25 -32.56
CA LYS B 331 -0.38 -26.87 -33.35
C LYS B 331 0.90 -27.56 -32.93
N PHE B 332 0.90 -28.11 -31.69
CA PHE B 332 2.09 -28.70 -31.10
C PHE B 332 1.80 -30.11 -30.57
N PRO B 333 2.84 -30.95 -30.44
CA PRO B 333 2.60 -32.34 -30.01
C PRO B 333 2.32 -32.49 -28.51
N VAL B 334 1.07 -32.66 -28.20
CA VAL B 334 0.62 -32.84 -26.82
C VAL B 334 0.71 -34.31 -26.41
N THR B 335 1.14 -34.52 -25.17
CA THR B 335 1.15 -35.83 -24.59
C THR B 335 0.12 -35.90 -23.46
N GLU B 336 -0.04 -37.10 -22.91
CA GLU B 336 -0.85 -37.29 -21.77
C GLU B 336 0.07 -37.83 -20.70
N ASN B 337 0.10 -37.14 -19.54
CA ASN B 337 1.00 -37.58 -18.46
C ASN B 337 0.37 -38.78 -17.72
N SER B 338 1.05 -39.27 -16.69
CA SER B 338 0.65 -40.48 -16.01
C SER B 338 -0.67 -40.36 -15.23
N LYS B 339 -1.20 -39.14 -15.08
CA LYS B 339 -2.49 -38.98 -14.39
C LYS B 339 -3.65 -38.85 -15.37
N GLY B 340 -3.36 -38.93 -16.66
CA GLY B 340 -4.40 -38.71 -17.67
C GLY B 340 -4.55 -37.28 -18.16
N TYR B 341 -3.69 -36.35 -17.74
CA TYR B 341 -3.83 -34.95 -18.15
C TYR B 341 -2.95 -34.54 -19.33
N LYS B 342 -3.47 -33.65 -20.15
CA LYS B 342 -2.75 -33.19 -21.33
C LYS B 342 -1.57 -32.31 -21.00
N LEU B 343 -0.46 -32.55 -21.69
CA LEU B 343 0.76 -31.80 -21.44
C LEU B 343 1.36 -31.26 -22.75
N LEU B 344 1.67 -29.95 -22.77
CA LEU B 344 2.37 -29.34 -23.92
C LEU B 344 3.81 -29.85 -23.94
N PRO B 345 4.46 -29.78 -25.12
CA PRO B 345 5.86 -30.22 -25.16
C PRO B 345 6.74 -29.38 -24.22
N PRO B 346 7.88 -29.94 -23.77
CA PRO B 346 8.65 -29.21 -22.77
C PRO B 346 9.24 -27.86 -23.21
N TYR B 347 9.37 -27.60 -24.50
CA TYR B 347 9.84 -26.28 -24.95
C TYR B 347 8.75 -25.18 -25.01
N LEU B 348 7.55 -25.46 -24.49
CA LEU B 348 6.45 -24.53 -24.64
C LEU B 348 5.56 -24.49 -23.39
N ARG B 349 5.42 -23.29 -22.84
CA ARG B 349 4.58 -23.10 -21.64
C ARG B 349 3.71 -21.83 -21.79
N VAL B 350 2.88 -21.53 -20.79
CA VAL B 350 1.99 -20.37 -20.78
C VAL B 350 2.07 -19.72 -19.39
N ILE B 351 2.00 -18.40 -19.39
CA ILE B 351 1.92 -17.64 -18.12
C ILE B 351 0.77 -16.64 -18.27
N GLN B 352 -0.13 -16.64 -17.31
CA GLN B 352 -1.27 -15.75 -17.28
C GLN B 352 -0.95 -14.75 -16.21
N GLY B 353 -0.74 -13.50 -16.61
CA GLY B 353 -0.43 -12.43 -15.67
C GLY B 353 -1.39 -11.26 -15.68
N ASP B 354 -2.57 -11.45 -16.25
CA ASP B 354 -3.59 -10.41 -16.18
C ASP B 354 -4.75 -10.84 -15.27
N GLY B 355 -5.17 -9.93 -14.38
CA GLY B 355 -6.36 -10.16 -13.54
C GLY B 355 -6.23 -11.34 -12.58
N VAL B 356 -4.98 -11.63 -12.16
CA VAL B 356 -4.72 -12.73 -11.22
C VAL B 356 -4.80 -12.29 -9.75
N ASP B 357 -5.72 -12.92 -9.03
CA ASP B 357 -5.67 -12.89 -7.57
C ASP B 357 -6.06 -14.26 -7.07
N ILE B 358 -6.21 -14.40 -5.75
CA ILE B 358 -6.41 -15.73 -5.24
C ILE B 358 -7.75 -16.34 -5.80
N ASN B 359 -8.78 -15.51 -6.06
CA ASN B 359 -10.03 -16.07 -6.57
C ASN B 359 -9.89 -16.53 -8.01
N THR B 360 -9.37 -15.67 -8.89
CA THR B 360 -9.23 -16.06 -10.30
C THR B 360 -8.17 -17.17 -10.49
N LEU B 361 -7.11 -17.16 -9.68
CA LEU B 361 -6.16 -18.29 -9.71
C LEU B 361 -6.85 -19.64 -9.48
N GLN B 362 -7.71 -19.70 -8.45
CA GLN B 362 -8.54 -20.86 -8.17
C GLN B 362 -9.45 -21.24 -9.35
N GLU B 363 -10.15 -20.25 -9.93
CA GLU B 363 -11.04 -20.51 -11.10
CA GLU B 363 -11.04 -20.46 -11.11
C GLU B 363 -10.29 -21.09 -12.32
N ILE B 364 -9.14 -20.51 -12.66
CA ILE B 364 -8.35 -21.01 -13.79
C ILE B 364 -7.86 -22.48 -13.60
N VAL B 365 -7.28 -22.79 -12.44
CA VAL B 365 -6.69 -24.13 -12.26
C VAL B 365 -7.79 -25.19 -12.26
N GLU B 366 -8.94 -24.81 -11.68
CA GLU B 366 -10.09 -25.70 -11.59
C GLU B 366 -10.67 -25.92 -13.01
N GLY B 367 -10.81 -24.83 -13.75
CA GLY B 367 -11.28 -24.85 -15.14
C GLY B 367 -10.34 -25.64 -16.06
N MET B 368 -9.03 -25.46 -15.88
CA MET B 368 -8.01 -26.30 -16.53
C MET B 368 -8.17 -27.80 -16.25
N LYS B 369 -8.31 -28.15 -14.95
CA LYS B 369 -8.49 -29.55 -14.52
C LYS B 369 -9.72 -30.13 -15.19
N GLN B 370 -10.76 -29.33 -15.22
CA GLN B 370 -12.00 -29.73 -15.83
C GLN B 370 -11.82 -30.04 -17.29
N LYS B 371 -10.99 -29.26 -17.97
CA LYS B 371 -10.74 -29.55 -19.38
C LYS B 371 -9.55 -30.50 -19.60
N MET B 372 -9.07 -31.13 -18.53
CA MET B 372 -8.02 -32.18 -18.62
C MET B 372 -6.61 -31.67 -19.00
N TRP B 373 -6.34 -30.42 -18.62
CA TRP B 373 -5.03 -29.78 -18.81
C TRP B 373 -4.24 -29.78 -17.50
N SER B 374 -3.04 -30.34 -17.56
CA SER B 374 -2.20 -30.40 -16.40
C SER B 374 -1.83 -28.95 -15.97
N ILE B 375 -1.79 -28.72 -14.69
CA ILE B 375 -1.29 -27.46 -14.14
C ILE B 375 0.22 -27.30 -14.42
N GLU B 376 0.88 -28.38 -14.88
CA GLU B 376 2.29 -28.26 -15.34
C GLU B 376 2.44 -27.23 -16.49
N ASN B 377 1.39 -27.05 -17.26
CA ASN B 377 1.42 -26.24 -18.46
C ASN B 377 1.43 -24.74 -18.16
N ILE B 378 1.03 -24.36 -16.95
CA ILE B 378 0.68 -22.97 -16.62
C ILE B 378 1.50 -22.44 -15.47
N ALA B 379 1.76 -21.14 -15.50
CA ALA B 379 2.28 -20.37 -14.35
C ALA B 379 1.46 -19.07 -14.30
N PHE B 380 1.55 -18.34 -13.18
CA PHE B 380 0.80 -17.09 -13.00
C PHE B 380 1.77 -15.97 -12.63
N GLY B 381 1.44 -14.76 -13.09
CA GLY B 381 2.04 -13.50 -12.59
C GLY B 381 0.92 -12.71 -11.91
N SER B 382 1.26 -12.02 -10.81
CA SER B 382 0.24 -11.22 -10.13
C SER B 382 0.87 -9.96 -9.55
N GLY B 383 0.26 -8.80 -9.81
CA GLY B 383 0.82 -7.57 -9.28
C GLY B 383 0.01 -7.06 -8.10
N GLY B 384 -1.01 -6.27 -8.42
CA GLY B 384 -1.94 -5.74 -7.41
C GLY B 384 -2.60 -6.75 -6.49
N GLY B 385 -3.06 -7.87 -7.08
CA GLY B 385 -3.69 -8.89 -6.29
C GLY B 385 -2.72 -9.47 -5.28
N LEU B 386 -1.44 -9.47 -5.63
CA LEU B 386 -0.41 -10.07 -4.75
C LEU B 386 0.06 -9.08 -3.65
N LEU B 387 0.27 -7.84 -4.03
CA LEU B 387 1.00 -6.88 -3.15
C LEU B 387 0.20 -5.66 -2.69
N GLN B 388 -0.92 -5.36 -3.36
CA GLN B 388 -1.60 -4.09 -3.09
C GLN B 388 -3.07 -4.23 -2.65
N LYS B 389 -3.78 -5.20 -3.19
CA LYS B 389 -5.21 -5.30 -2.92
C LYS B 389 -5.37 -6.08 -1.61
N LEU B 390 -4.82 -5.56 -0.52
CA LEU B 390 -4.85 -6.23 0.79
C LEU B 390 -4.91 -5.13 1.81
N THR B 391 -5.67 -5.35 2.88
CA THR B 391 -5.77 -4.34 3.95
C THR B 391 -5.48 -4.97 5.33
N ARG B 392 -5.26 -4.11 6.32
CA ARG B 392 -5.06 -4.57 7.69
C ARG B 392 -6.31 -5.28 8.24
N ASP B 393 -7.43 -5.17 7.53
CA ASP B 393 -8.69 -5.77 7.98
C ASP B 393 -8.95 -7.20 7.43
N LEU B 394 -8.16 -7.63 6.44
CA LEU B 394 -8.32 -8.95 5.87
C LEU B 394 -8.05 -10.00 6.95
N LEU B 395 -7.00 -9.82 7.76
CA LEU B 395 -6.77 -10.72 8.90
C LEU B 395 -7.11 -10.06 10.25
N ASN B 396 -7.76 -8.88 10.21
CA ASN B 396 -8.30 -8.28 11.44
C ASN B 396 -7.15 -7.98 12.44
N CYS B 397 -6.05 -7.48 11.92
CA CYS B 397 -4.86 -7.20 12.73
C CYS B 397 -5.10 -6.01 13.65
N SER B 398 -4.83 -6.23 14.93
CA SER B 398 -5.19 -5.29 15.99
C SER B 398 -4.20 -5.39 17.15
N PHE B 399 -3.96 -4.26 17.81
CA PHE B 399 -2.99 -4.13 18.91
C PHE B 399 -3.74 -3.47 20.06
N LYS B 400 -3.66 -4.06 21.25
CA LYS B 400 -4.46 -3.65 22.38
C LYS B 400 -3.66 -3.79 23.68
N CYS B 401 -3.88 -2.84 24.60
CA CYS B 401 -3.39 -2.93 25.99
C CYS B 401 -4.22 -4.00 26.69
N SER B 402 -3.53 -4.97 27.30
CA SER B 402 -4.16 -6.00 28.11
C SER B 402 -3.76 -6.00 29.61
N TYR B 403 -2.75 -5.21 29.99
CA TYR B 403 -2.28 -5.25 31.36
C TYR B 403 -1.62 -3.94 31.71
N VAL B 404 -1.91 -3.42 32.88
CA VAL B 404 -1.24 -2.20 33.38
C VAL B 404 -0.89 -2.40 34.83
N VAL B 405 0.15 -1.73 35.32
CA VAL B 405 0.37 -1.63 36.76
C VAL B 405 0.17 -0.17 37.14
N THR B 406 -0.73 0.06 38.10
CA THR B 406 -0.99 1.39 38.62
C THR B 406 -0.98 1.31 40.18
N ASN B 407 -0.24 2.21 40.79
CA ASN B 407 -0.01 2.14 42.25
C ASN B 407 0.54 0.79 42.72
N GLY B 408 1.47 0.22 41.95
CA GLY B 408 2.03 -1.10 42.25
C GLY B 408 1.10 -2.29 42.07
N LEU B 409 -0.13 -2.04 41.67
CA LEU B 409 -1.14 -3.09 41.50
C LEU B 409 -1.33 -3.38 40.02
N GLY B 410 -1.05 -4.61 39.62
CA GLY B 410 -1.29 -5.07 38.26
C GLY B 410 -2.77 -5.27 38.09
N ILE B 411 -3.32 -4.87 36.94
CA ILE B 411 -4.75 -5.08 36.60
C ILE B 411 -4.90 -5.57 35.14
N ASN B 412 -5.81 -6.52 34.92
CA ASN B 412 -6.02 -7.11 33.61
C ASN B 412 -7.00 -6.23 32.85
N VAL B 413 -6.60 -5.59 31.76
CA VAL B 413 -7.51 -4.67 31.02
C VAL B 413 -7.91 -5.21 29.65
N PHE B 414 -9.05 -4.75 29.14
CA PHE B 414 -9.58 -5.20 27.84
C PHE B 414 -10.72 -4.22 27.43
N LYS B 415 -11.19 -4.35 26.20
CA LYS B 415 -12.37 -3.68 25.75
C LYS B 415 -13.32 -4.81 25.37
N ASP B 416 -14.62 -4.50 25.34
CA ASP B 416 -15.62 -5.46 25.00
C ASP B 416 -16.82 -4.64 24.52
N PRO B 417 -16.73 -4.01 23.33
CA PRO B 417 -17.85 -3.17 22.87
C PRO B 417 -19.18 -3.95 22.73
N VAL B 418 -20.24 -3.41 23.32
CA VAL B 418 -21.56 -4.04 23.29
C VAL B 418 -22.07 -4.51 21.90
N ALA B 419 -21.84 -3.73 20.87
CA ALA B 419 -22.47 -3.99 19.58
C ALA B 419 -21.51 -4.78 18.69
N ASP B 420 -20.32 -5.09 19.21
CA ASP B 420 -19.40 -5.89 18.45
C ASP B 420 -18.50 -6.78 19.28
N PRO B 421 -18.99 -7.96 19.62
CA PRO B 421 -18.18 -8.96 20.34
C PRO B 421 -16.90 -9.42 19.60
N ASN B 422 -16.81 -9.19 18.30
CA ASN B 422 -15.58 -9.47 17.59
C ASN B 422 -14.49 -8.44 17.85
N LYS B 423 -14.86 -7.28 18.39
CA LYS B 423 -13.84 -6.35 18.92
C LYS B 423 -13.40 -6.61 20.38
N ARG B 424 -13.93 -7.65 21.03
CA ARG B 424 -13.44 -7.98 22.37
C ARG B 424 -11.93 -8.30 22.38
N SER B 425 -11.21 -7.74 23.34
CA SER B 425 -9.76 -7.94 23.42
C SER B 425 -9.43 -8.89 24.60
N LYS B 426 -8.20 -9.43 24.58
CA LYS B 426 -7.73 -10.39 25.59
C LYS B 426 -7.32 -9.67 26.89
N LYS B 427 -7.36 -10.41 28.01
CA LYS B 427 -7.14 -9.86 29.34
C LYS B 427 -5.80 -10.30 29.99
N GLY B 428 -5.02 -9.33 30.46
CA GLY B 428 -3.85 -9.62 31.28
C GLY B 428 -2.63 -10.05 30.52
N ARG B 429 -1.67 -10.59 31.27
CA ARG B 429 -0.39 -11.03 30.72
C ARG B 429 -0.64 -12.31 29.93
N LEU B 430 -0.10 -12.33 28.72
CA LEU B 430 -0.45 -13.41 27.79
C LEU B 430 0.77 -14.26 27.49
N SER B 431 0.51 -15.52 27.13
CA SER B 431 1.53 -16.44 26.61
C SER B 431 0.94 -17.38 25.54
N LEU B 432 1.80 -17.87 24.64
CA LEU B 432 1.37 -18.80 23.57
C LEU B 432 1.89 -20.22 23.85
N HIS B 433 1.01 -21.23 23.68
CA HIS B 433 1.31 -22.61 24.06
C HIS B 433 0.84 -23.62 23.06
N ARG B 434 1.50 -24.79 23.09
CA ARG B 434 1.01 -26.01 22.43
C ARG B 434 -0.03 -26.62 23.28
N THR B 435 -1.10 -27.09 22.66
CA THR B 435 -2.06 -27.90 23.40
C THR B 435 -1.59 -29.36 23.44
N PRO B 436 -2.21 -30.21 24.30
CA PRO B 436 -1.79 -31.62 24.26
C PRO B 436 -1.93 -32.25 22.87
N ALA B 437 -2.90 -31.80 22.07
CA ALA B 437 -3.04 -32.26 20.70
C ALA B 437 -2.10 -31.57 19.71
N GLY B 438 -1.23 -30.66 20.19
CA GLY B 438 -0.22 -30.01 19.34
C GLY B 438 -0.79 -28.85 18.54
N ASN B 439 -1.91 -28.30 19.02
CA ASN B 439 -2.46 -27.08 18.43
C ASN B 439 -1.95 -25.91 19.25
N PHE B 440 -2.48 -24.73 18.98
CA PHE B 440 -2.01 -23.51 19.67
C PHE B 440 -3.10 -23.00 20.59
N VAL B 441 -2.68 -22.45 21.73
CA VAL B 441 -3.59 -21.75 22.63
C VAL B 441 -2.90 -20.54 23.23
N THR B 442 -3.64 -19.43 23.32
CA THR B 442 -3.17 -18.25 23.99
C THR B 442 -3.74 -18.17 25.39
N LEU B 443 -2.87 -18.15 26.39
CA LEU B 443 -3.32 -18.13 27.78
C LEU B 443 -3.39 -16.73 28.31
N GLU B 444 -4.47 -16.43 29.00
CA GLU B 444 -4.70 -15.07 29.48
C GLU B 444 -4.46 -14.99 30.98
N GLU B 445 -4.49 -13.74 31.49
CA GLU B 445 -4.48 -13.43 32.91
C GLU B 445 -3.28 -14.03 33.62
N GLY B 446 -2.16 -14.12 32.92
CA GLY B 446 -0.95 -14.60 33.56
C GLY B 446 -0.96 -16.09 33.74
N LYS B 447 -1.99 -16.78 33.22
CA LYS B 447 -2.17 -18.22 33.46
C LYS B 447 -1.07 -19.13 32.93
N GLY B 448 -0.31 -18.65 31.95
CA GLY B 448 0.90 -19.35 31.52
C GLY B 448 1.79 -19.73 32.69
N ASP B 449 1.81 -18.90 33.73
CA ASP B 449 2.70 -19.11 34.90
C ASP B 449 2.41 -20.40 35.67
N LEU B 450 1.18 -20.88 35.58
CA LEU B 450 0.73 -22.14 36.19
C LEU B 450 1.40 -23.37 35.58
N GLU B 451 2.10 -23.20 34.47
CA GLU B 451 2.94 -24.26 33.90
C GLU B 451 2.19 -25.48 33.32
N GLU B 452 0.87 -25.41 33.28
CA GLU B 452 0.02 -26.54 32.86
C GLU B 452 0.08 -26.84 31.39
N TYR B 453 0.64 -25.93 30.61
CA TYR B 453 0.63 -26.07 29.15
C TYR B 453 2.04 -25.96 28.61
N GLY B 454 3.01 -26.34 29.41
CA GLY B 454 4.40 -26.23 28.99
C GLY B 454 4.86 -24.78 28.88
N GLN B 455 5.78 -24.55 27.95
CA GLN B 455 6.48 -23.29 27.90
C GLN B 455 5.88 -22.29 26.91
N ASP B 456 5.92 -21.02 27.29
CA ASP B 456 5.58 -19.93 26.38
C ASP B 456 6.41 -20.11 25.07
N LEU B 457 5.75 -20.04 23.93
CA LEU B 457 6.43 -20.06 22.61
C LEU B 457 6.93 -18.70 22.09
N LEU B 458 6.54 -17.58 22.73
CA LEU B 458 7.11 -16.28 22.37
C LEU B 458 8.50 -16.22 22.96
N HIS B 459 9.42 -15.57 22.24
CA HIS B 459 10.80 -15.28 22.65
C HIS B 459 11.01 -13.78 22.71
N THR B 460 11.82 -13.28 23.65
CA THR B 460 12.22 -11.87 23.65
C THR B 460 13.04 -11.59 22.36
N VAL B 461 12.53 -10.73 21.48
CA VAL B 461 13.28 -10.36 20.25
C VAL B 461 13.90 -8.96 20.32
N PHE B 462 13.42 -8.12 21.24
CA PHE B 462 13.98 -6.76 21.39
C PHE B 462 13.92 -6.43 22.85
N LYS B 463 14.98 -5.82 23.36
CA LYS B 463 14.95 -5.39 24.73
C LYS B 463 15.92 -4.24 24.84
N ASN B 464 15.43 -3.12 25.37
CA ASN B 464 16.23 -1.93 25.68
C ASN B 464 17.17 -1.51 24.54
N GLY B 465 16.62 -1.42 23.32
CA GLY B 465 17.36 -0.86 22.20
C GLY B 465 18.14 -1.89 21.41
N LYS B 466 18.09 -3.17 21.85
CA LYS B 466 18.85 -4.23 21.15
C LYS B 466 17.93 -5.30 20.60
N VAL B 467 18.27 -5.82 19.42
CA VAL B 467 17.58 -6.98 18.88
C VAL B 467 18.24 -8.18 19.55
N THR B 468 17.44 -9.00 20.23
CA THR B 468 17.99 -10.06 21.10
C THR B 468 17.87 -11.44 20.49
N LYS B 469 17.11 -11.57 19.41
CA LYS B 469 16.89 -12.87 18.74
C LYS B 469 16.43 -12.62 17.32
N SER B 470 16.89 -13.44 16.38
CA SER B 470 16.90 -13.16 14.94
C SER B 470 16.69 -14.46 14.14
N TYR B 471 16.15 -14.33 12.92
CA TYR B 471 15.96 -15.51 12.07
C TYR B 471 16.54 -15.19 10.71
N SER B 472 17.18 -16.16 10.07
CA SER B 472 17.57 -15.96 8.66
C SER B 472 16.32 -16.16 7.79
N PHE B 473 16.37 -15.66 6.58
CA PHE B 473 15.28 -15.92 5.62
C PHE B 473 15.13 -17.44 5.31
N ASP B 474 16.24 -18.19 5.39
CA ASP B 474 16.12 -19.63 5.20
C ASP B 474 15.33 -20.30 6.35
N GLU B 475 15.48 -19.88 7.63
CA GLU B 475 14.67 -20.48 8.75
C GLU B 475 13.20 -20.09 8.59
N ILE B 476 12.99 -18.84 8.18
CA ILE B 476 11.61 -18.35 7.95
C ILE B 476 10.89 -19.18 6.89
N ARG B 477 11.59 -19.49 5.78
CA ARG B 477 10.99 -20.26 4.68
C ARG B 477 10.67 -21.64 5.16
N LYS B 478 11.60 -22.26 5.86
CA LYS B 478 11.36 -23.59 6.40
C LYS B 478 10.17 -23.58 7.40
N ASN B 479 10.09 -22.56 8.28
CA ASN B 479 8.93 -22.46 9.15
C ASN B 479 7.58 -22.32 8.39
N ALA B 480 7.62 -21.69 7.23
CA ALA B 480 6.39 -21.35 6.50
C ALA B 480 5.95 -22.40 5.45
N GLN B 481 6.65 -23.53 5.38
CA GLN B 481 6.34 -24.63 4.45
C GLN B 481 4.92 -25.14 4.54
N LEU B 482 4.43 -25.68 3.45
CA LEU B 482 3.11 -26.28 3.50
C LEU B 482 3.23 -27.65 4.21
N ASN B 483 2.12 -28.22 4.71
CA ASN B 483 2.14 -29.63 5.16
C ASN B 483 2.61 -30.63 4.07
N ILE B 484 2.12 -30.46 2.84
CA ILE B 484 2.55 -31.31 1.67
C ILE B 484 4.09 -31.43 1.39
MG MG C . -10.73 1.51 16.98
MG MG D . -3.56 -3.59 -16.27
O08 UNU E . -9.10 9.13 17.09
C07 UNU E . -8.01 9.28 16.55
N09 UNU E . -7.37 10.47 16.66
C06 UNU E . -7.27 8.15 15.82
C01 UNU E . -6.23 8.49 14.91
C05 UNU E . -7.60 6.79 16.04
C04 UNU E . -6.86 5.79 15.40
C03 UNU E . -5.83 6.14 14.48
C02 UNU E . -5.51 7.49 14.24
BE BEF F . -9.37 1.27 20.18
F1 BEF F . -9.04 -0.39 20.51
F2 BEF F . -8.06 2.36 20.56
F3 BEF F . -9.99 1.38 18.59
MG MG G . -10.43 -2.00 13.44
MG MG H . -0.28 -5.89 -19.17
C1 PRP I . -8.42 2.47 15.05
C2 PRP I . -9.53 3.47 15.32
C3 PRP I . -10.60 3.08 14.31
C4 PRP I . -9.80 2.49 13.16
C5 PRP I . -9.66 3.46 11.96
O1 PRP I . -8.75 1.23 15.75
O2 PRP I . -9.91 3.41 16.70
O3 PRP I . -11.47 2.02 14.79
O4 PRP I . -8.46 2.30 13.63
O5 PRP I . -8.80 2.80 11.02
P PRP I . -9.48 1.90 9.85
O1P PRP I . -8.22 1.50 9.12
O2P PRP I . -10.24 0.80 10.54
O3P PRP I . -10.31 2.88 9.12
PA PRP I . -8.28 -0.25 15.31
O1A PRP I . -8.95 -0.69 14.04
O2A PRP I . -6.80 -0.17 15.40
O3A PRP I . -8.89 -1.21 16.47
PB PRP I . -10.42 -1.73 16.66
O1B PRP I . -11.18 -0.47 16.86
O2B PRP I . -10.38 -2.61 17.89
O3B PRP I . -10.70 -2.52 15.40
C1 PRP J . 1.25 -5.30 -16.48
C2 PRP J . 1.28 -6.76 -16.92
C3 PRP J . -0.04 -7.37 -16.44
C4 PRP J . -0.27 -6.53 -15.19
C5 PRP J . 0.11 -7.27 -13.90
O1 PRP J . 0.43 -4.55 -17.44
O2 PRP J . 1.51 -6.83 -18.36
O3 PRP J . -1.14 -7.11 -17.35
O4 PRP J . 0.58 -5.37 -15.25
O5 PRP J . -0.20 -6.37 -12.85
P PRP J . -1.60 -6.37 -12.04
O1P PRP J . -2.63 -5.89 -13.05
O2P PRP J . -1.88 -7.80 -11.57
O3P PRP J . -1.30 -5.40 -10.90
PA PRP J . -0.37 -3.18 -17.09
O1A PRP J . 0.63 -2.18 -16.54
O2A PRP J . -1.48 -3.49 -16.11
O3A PRP J . -1.01 -2.63 -18.48
PB PRP J . -2.31 -3.27 -19.19
O1B PRP J . -2.51 -2.52 -20.51
O2B PRP J . -3.42 -3.12 -18.16
O3B PRP J . -1.96 -4.72 -19.43
O08 UNU K . 5.92 -10.30 -17.62
C07 UNU K . 6.58 -9.80 -16.70
N09 UNU K . 7.82 -10.24 -16.42
C06 UNU K . 6.04 -8.61 -15.93
C01 UNU K . 6.73 -8.20 -14.74
C05 UNU K . 4.91 -7.87 -16.34
C04 UNU K . 4.47 -6.75 -15.58
C03 UNU K . 5.18 -6.38 -14.40
C02 UNU K . 6.28 -7.11 -13.97
BE BEF L . 1.47 -4.40 -21.77
F1 BEF L . 0.62 -5.13 -20.46
F2 BEF L . 3.14 -4.33 -21.36
F3 BEF L . 0.79 -2.88 -22.20
#